data_2Z5Z
#
_entry.id   2Z5Z
#
_cell.length_a   54.127
_cell.length_b   80.739
_cell.length_c   77.699
_cell.angle_alpha   90.00
_cell.angle_beta   102.94
_cell.angle_gamma   90.00
#
_symmetry.space_group_name_H-M   'P 1 21 1'
#
loop_
_entity.id
_entity.type
_entity.pdbx_description
1 polymer Lactoperoxidase
2 branched alpha-D-mannopyranose-(1-4)-2-acetamido-2-deoxy-beta-D-glucopyranose-(1-4)-2-acetamido-2-deoxy-beta-D-glucopyranose
3 branched 2-acetamido-2-deoxy-beta-D-glucopyranose-(1-4)-2-acetamido-2-deoxy-beta-D-glucopyranose
4 non-polymer 'CALCIUM ION'
5 non-polymer 'IODIDE ION'
6 non-polymer 'FLUORIDE ION'
7 non-polymer 'PROTOPORPHYRIN IX CONTAINING FE'
8 non-polymer 1-(OXIDOSULFANYL)METHANAMINE
9 water water
#
_entity_poly.entity_id   1
_entity_poly.type   'polypeptide(L)'
_entity_poly.pdbx_seq_one_letter_code
;SWEVGCGAPVPLVKCDENSPYRTITGDCNNRRSPALGAANRALARWLPAEYEDGLALPFGWTQRKTRNGFRVPLAREVSN
KIVGYLDEDGVLDQNRSLLFMQWGQIVDHDLDFAPETELGSNEHSKTQCEEYCIQGDNCFPIMFPKNDPKLKTQGKCMPF
FRAGFVCPTPPYQSLAREQINAVTSFLDASLVYGSEP(SEP)LASRLQNLSSPLGLMAVNQEAWDHGLAYLPFNNRKPSP
CEFINTTARVPCFLAGDFRASEQILLATAHTLLLREHNRLARELKKLNPQWDGEKLYQEARKILGAFVQIITFRDYLPIV
LGSEMQKWIPPYQGYNNSVDPRISNVFTFAFRFGHMEVPSTVSRLDENYQPWGPEAELPLHTLFFNTWRIIKDGGIDPLV
RGLLAKKSKLMNQDKMVTSELRNKLFQPTHKIHGFDLAAINLQRCRDHGMPGYNSWRGFCGLSQPKTLKGLQTVLKNKIL
AKKLMDLYKTPDNIDIWIGGNAEPMVERGRVGPLLACLLGRQFQQIRDGDRFWWENPGVFTEKQRDSLQKMSFSRLICDN
THITKVPLHAFQANNYPHDFVDCSAVDKLDLSPWASREN
;
_entity_poly.pdbx_strand_id   A
#
loop_
_chem_comp.id
_chem_comp.type
_chem_comp.name
_chem_comp.formula
CA non-polymer 'CALCIUM ION' 'Ca 2'
F non-polymer 'FLUORIDE ION' 'F -1'
HEM non-polymer 'PROTOPORPHYRIN IX CONTAINING FE' 'C34 H32 Fe N4 O4'
IOD non-polymer 'IODIDE ION' 'I -1'
MAN D-saccharide, alpha linking alpha-D-mannopyranose 'C6 H12 O6'
NAG D-saccharide, beta linking 2-acetamido-2-deoxy-beta-D-glucopyranose 'C8 H15 N O6'
OSM non-polymer 1-(OXIDOSULFANYL)METHANAMINE 'C H5 N O S'
#
# COMPACT_ATOMS: atom_id res chain seq x y z
N SER A 1 25.21 -24.06 -9.34
CA SER A 1 24.54 -24.20 -8.01
C SER A 1 23.84 -22.90 -7.58
N TRP A 2 22.51 -22.98 -7.43
CA TRP A 2 21.67 -21.82 -7.09
C TRP A 2 20.69 -22.03 -5.93
N GLU A 3 20.44 -23.30 -5.60
CA GLU A 3 19.46 -23.73 -4.59
C GLU A 3 18.09 -23.65 -5.31
N VAL A 4 18.13 -23.19 -6.57
CA VAL A 4 16.97 -22.98 -7.48
C VAL A 4 15.61 -23.61 -7.13
N GLY A 5 15.66 -24.81 -6.57
CA GLY A 5 14.46 -25.56 -6.25
C GLY A 5 13.31 -25.08 -5.38
N CYS A 6 13.59 -24.65 -4.14
CA CYS A 6 12.52 -24.28 -3.18
C CYS A 6 11.26 -23.64 -3.71
N GLY A 7 10.33 -24.52 -4.09
CA GLY A 7 9.03 -24.13 -4.59
C GLY A 7 8.01 -24.93 -3.79
N ALA A 8 8.28 -25.05 -2.49
CA ALA A 8 7.43 -25.78 -1.54
C ALA A 8 6.22 -24.91 -1.11
N PRO A 9 5.78 -24.97 0.17
CA PRO A 9 4.63 -24.16 0.59
C PRO A 9 4.27 -22.92 -0.23
N VAL A 10 3.42 -23.15 -1.24
CA VAL A 10 2.87 -22.16 -2.17
C VAL A 10 1.75 -22.86 -2.94
N PRO A 11 0.69 -22.13 -3.32
CA PRO A 11 -0.41 -22.78 -4.06
C PRO A 11 -0.02 -22.95 -5.52
N LEU A 12 -0.32 -24.11 -6.10
CA LEU A 12 -0.01 -24.32 -7.50
C LEU A 12 -1.10 -25.09 -8.25
N VAL A 13 -1.28 -24.74 -9.53
CA VAL A 13 -2.23 -25.39 -10.42
C VAL A 13 -1.72 -25.37 -11.86
N LYS A 14 -2.52 -25.92 -12.77
CA LYS A 14 -2.14 -25.96 -14.18
C LYS A 14 -2.41 -24.61 -14.85
N CYS A 15 -1.56 -24.29 -15.84
CA CYS A 15 -1.71 -23.05 -16.58
C CYS A 15 -2.79 -23.16 -17.62
N ASP A 16 -3.84 -22.37 -17.45
CA ASP A 16 -4.98 -22.42 -18.37
C ASP A 16 -4.53 -22.33 -19.83
N GLU A 17 -3.35 -21.75 -20.04
CA GLU A 17 -2.72 -21.62 -21.37
C GLU A 17 -3.61 -21.10 -22.50
N ASN A 18 -3.23 -19.92 -22.99
CA ASN A 18 -3.92 -19.20 -24.06
C ASN A 18 -5.20 -18.53 -23.55
N SER A 19 -5.51 -18.69 -22.26
CA SER A 19 -6.69 -18.05 -21.67
C SER A 19 -6.45 -16.54 -21.64
N PRO A 20 -7.49 -15.75 -21.97
CA PRO A 20 -7.42 -14.29 -22.00
C PRO A 20 -7.64 -13.57 -20.69
N TYR A 21 -7.61 -14.32 -19.59
CA TYR A 21 -7.83 -13.72 -18.28
C TYR A 21 -6.76 -14.07 -17.25
N ARG A 22 -6.36 -13.11 -16.45
CA ARG A 22 -5.34 -13.32 -15.42
C ARG A 22 -5.74 -14.39 -14.43
N THR A 23 -4.78 -15.15 -13.94
CA THR A 23 -5.12 -16.11 -12.90
C THR A 23 -5.15 -15.30 -11.60
N ILE A 24 -6.00 -15.70 -10.66
CA ILE A 24 -6.11 -15.01 -9.39
C ILE A 24 -4.79 -14.89 -8.63
N THR A 25 -4.03 -15.99 -8.53
CA THR A 25 -2.77 -16.00 -7.81
C THR A 25 -1.63 -15.30 -8.53
N GLY A 26 -1.84 -14.94 -9.79
CA GLY A 26 -0.80 -14.27 -10.52
C GLY A 26 0.09 -15.24 -11.28
N ASP A 27 -0.21 -16.54 -11.19
CA ASP A 27 0.55 -17.55 -11.90
C ASP A 27 0.26 -17.47 -13.41
N CYS A 28 1.03 -18.21 -14.19
CA CYS A 28 0.85 -18.30 -15.63
C CYS A 28 0.97 -17.02 -16.50
N ASN A 29 1.47 -15.95 -15.93
CA ASN A 29 1.64 -14.73 -16.70
C ASN A 29 2.85 -14.92 -17.60
N ASN A 30 3.99 -15.24 -17.00
CA ASN A 30 5.24 -15.50 -17.74
C ASN A 30 5.14 -16.97 -18.15
N ARG A 31 4.97 -17.22 -19.45
CA ARG A 31 4.82 -18.58 -19.97
C ARG A 31 5.99 -19.52 -19.68
N ARG A 32 7.20 -19.06 -19.96
CA ARG A 32 8.41 -19.87 -19.75
C ARG A 32 8.82 -20.04 -18.29
N SER A 33 8.31 -19.20 -17.39
CA SER A 33 8.64 -19.28 -15.95
C SER A 33 7.36 -18.83 -15.23
N PRO A 34 6.37 -19.73 -15.18
CA PRO A 34 5.05 -19.50 -14.58
C PRO A 34 4.86 -18.93 -13.20
N ALA A 35 5.84 -19.07 -12.32
CA ALA A 35 5.67 -18.58 -10.96
C ALA A 35 6.17 -17.16 -10.69
N LEU A 36 6.64 -16.48 -11.73
CA LEU A 36 7.12 -15.12 -11.59
C LEU A 36 5.96 -14.17 -11.31
N GLY A 37 6.07 -13.41 -10.22
CA GLY A 37 5.05 -12.45 -9.89
C GLY A 37 3.89 -13.01 -9.11
N ALA A 38 3.87 -14.32 -8.93
CA ALA A 38 2.79 -14.98 -8.21
C ALA A 38 2.77 -14.70 -6.74
N ALA A 39 1.56 -14.66 -6.19
CA ALA A 39 1.37 -14.42 -4.76
C ALA A 39 1.95 -15.61 -3.99
N ASN A 40 2.33 -15.36 -2.72
CA ASN A 40 2.91 -16.34 -1.81
C ASN A 40 4.29 -16.82 -2.17
N ARG A 41 5.08 -15.96 -2.78
CA ARG A 41 6.44 -16.29 -3.14
C ARG A 41 7.32 -15.27 -2.42
N ALA A 42 8.62 -15.41 -2.54
CA ALA A 42 9.50 -14.50 -1.86
C ALA A 42 9.64 -13.17 -2.55
N LEU A 43 9.88 -12.15 -1.74
CA LEU A 43 10.15 -10.81 -2.26
C LEU A 43 11.46 -11.05 -3.01
N ALA A 44 11.61 -10.49 -4.20
CA ALA A 44 12.84 -10.66 -4.96
C ALA A 44 13.98 -9.93 -4.24
N ARG A 45 15.22 -10.24 -4.53
CA ARG A 45 16.33 -9.55 -3.90
C ARG A 45 17.21 -8.89 -4.94
N TRP A 46 17.18 -7.57 -4.99
CA TRP A 46 18.03 -6.87 -5.94
C TRP A 46 19.46 -6.88 -5.42
N LEU A 47 19.58 -6.91 -4.09
CA LEU A 47 20.87 -6.95 -3.39
C LEU A 47 20.81 -8.01 -2.28
N PRO A 48 21.94 -8.68 -2.01
CA PRO A 48 22.01 -9.72 -0.97
C PRO A 48 21.60 -9.24 0.40
N ALA A 49 20.81 -10.04 1.09
CA ALA A 49 20.35 -9.73 2.42
C ALA A 49 21.52 -9.50 3.37
N GLU A 50 21.34 -8.58 4.31
CA GLU A 50 22.38 -8.34 5.29
C GLU A 50 21.82 -8.54 6.69
N TYR A 51 22.19 -9.66 7.28
CA TYR A 51 21.78 -10.01 8.63
C TYR A 51 22.97 -10.00 9.57
N GLU A 52 22.70 -9.90 10.86
CA GLU A 52 23.70 -9.90 11.90
C GLU A 52 24.58 -11.16 11.80
N ASP A 53 23.94 -12.33 11.80
CA ASP A 53 24.70 -13.58 11.74
C ASP A 53 24.77 -14.09 10.31
N GLY A 54 24.59 -13.16 9.39
CA GLY A 54 24.67 -13.45 7.98
C GLY A 54 23.48 -14.16 7.41
N LEU A 55 22.92 -15.08 8.20
CA LEU A 55 21.78 -15.87 7.75
C LEU A 55 20.34 -15.39 8.01
N ALA A 56 20.03 -14.99 9.25
CA ALA A 56 18.65 -14.58 9.54
C ALA A 56 18.39 -13.55 10.66
N LEU A 57 19.34 -13.38 11.57
CA LEU A 57 19.16 -12.44 12.69
C LEU A 57 19.32 -11.01 12.26
N PRO A 58 18.37 -10.16 12.63
CA PRO A 58 18.43 -8.75 12.27
C PRO A 58 19.47 -8.01 13.08
N PHE A 59 19.89 -6.85 12.56
CA PHE A 59 20.86 -6.04 13.28
C PHE A 59 20.13 -5.42 14.45
N GLY A 60 20.70 -5.58 15.64
CA GLY A 60 20.08 -5.03 16.84
C GLY A 60 19.68 -6.16 17.78
N TRP A 61 19.59 -7.35 17.23
CA TRP A 61 19.22 -8.55 17.99
C TRP A 61 20.18 -8.82 19.15
N THR A 62 21.42 -9.19 18.82
CA THR A 62 22.44 -9.44 19.83
C THR A 62 22.91 -8.04 20.21
N GLN A 63 22.62 -7.64 21.44
CA GLN A 63 22.96 -6.32 21.95
C GLN A 63 24.45 -6.01 22.10
N ARG A 64 25.30 -6.89 21.56
CA ARG A 64 26.74 -6.72 21.68
C ARG A 64 27.47 -6.76 20.33
N LYS A 65 26.74 -7.14 19.28
CA LYS A 65 27.31 -7.20 17.93
C LYS A 65 26.99 -5.92 17.19
N THR A 66 28.01 -5.35 16.59
CA THR A 66 27.89 -4.11 15.85
C THR A 66 27.57 -4.31 14.36
N ARG A 67 27.18 -3.22 13.71
CA ARG A 67 26.99 -3.26 12.28
C ARG A 67 28.04 -2.23 11.89
N ASN A 68 29.04 -2.67 11.15
CA ASN A 68 30.16 -1.83 10.75
C ASN A 68 30.95 -1.20 11.92
N GLY A 69 30.97 -1.91 13.05
CA GLY A 69 31.72 -1.47 14.21
C GLY A 69 30.96 -0.59 15.17
N PHE A 70 29.70 -0.34 14.83
CA PHE A 70 28.84 0.52 15.63
C PHE A 70 27.53 -0.13 16.00
N ARG A 71 26.99 0.31 17.14
CA ARG A 71 25.70 -0.15 17.63
C ARG A 71 24.61 0.56 16.84
N VAL A 72 23.65 -0.20 16.31
CA VAL A 72 22.54 0.42 15.61
C VAL A 72 21.66 1.06 16.67
N PRO A 73 21.15 2.27 16.40
CA PRO A 73 20.28 2.97 17.34
C PRO A 73 18.91 2.34 17.46
N LEU A 74 18.35 2.34 18.67
CA LEU A 74 17.00 1.79 18.92
C LEU A 74 16.02 2.47 17.97
N ALA A 75 15.19 1.66 17.33
CA ALA A 75 14.24 2.18 16.36
C ALA A 75 13.42 3.38 16.82
N ARG A 76 12.96 3.34 18.07
CA ARG A 76 12.11 4.40 18.63
C ARG A 76 12.87 5.70 18.91
N GLU A 77 14.16 5.59 19.23
CA GLU A 77 14.94 6.80 19.48
C GLU A 77 15.15 7.52 18.15
N VAL A 78 15.18 6.79 17.04
CA VAL A 78 15.35 7.45 15.75
C VAL A 78 14.02 8.15 15.49
N SER A 79 12.94 7.58 15.99
CA SER A 79 11.64 8.20 15.82
C SER A 79 11.62 9.51 16.60
N ASN A 80 11.84 9.43 17.91
CA ASN A 80 11.82 10.60 18.78
C ASN A 80 12.68 11.76 18.31
N LYS A 81 13.91 11.45 17.91
CA LYS A 81 14.85 12.46 17.50
C LYS A 81 14.66 13.07 16.11
N ILE A 82 14.32 12.24 15.14
CA ILE A 82 14.20 12.70 13.77
C ILE A 82 12.80 12.82 13.18
N VAL A 83 12.02 11.76 13.35
CA VAL A 83 10.70 11.67 12.73
C VAL A 83 9.55 12.43 13.35
N GLY A 84 9.63 12.73 14.63
CA GLY A 84 8.53 13.42 15.26
C GLY A 84 8.49 14.93 15.13
N TYR A 85 7.30 15.49 15.37
CA TYR A 85 7.08 16.93 15.37
C TYR A 85 5.76 17.24 16.11
N LEU A 86 5.50 18.52 16.36
CA LEU A 86 4.32 18.93 17.11
C LEU A 86 3.36 19.90 16.45
N ASP A 87 3.86 20.76 15.57
CA ASP A 87 3.00 21.76 14.95
C ASP A 87 2.45 21.30 13.60
N GLU A 88 1.14 21.02 13.55
CA GLU A 88 0.54 20.55 12.32
C GLU A 88 0.26 21.71 11.35
N ASP A 89 0.36 22.94 11.86
CA ASP A 89 0.15 24.14 11.04
C ASP A 89 1.32 24.33 10.07
N GLY A 90 0.99 24.54 8.80
CA GLY A 90 1.96 24.76 7.73
C GLY A 90 2.32 23.55 6.90
N VAL A 91 1.85 22.41 7.38
CA VAL A 91 2.22 21.12 6.81
C VAL A 91 1.61 20.61 5.51
N LEU A 92 0.44 21.10 5.12
CA LEU A 92 -0.21 20.58 3.92
C LEU A 92 0.45 20.85 2.55
N ASP A 93 0.40 19.81 1.72
CA ASP A 93 0.95 19.85 0.37
C ASP A 93 0.03 20.74 -0.46
N GLN A 94 0.51 21.92 -0.82
CA GLN A 94 -0.28 22.89 -1.56
C GLN A 94 -0.77 22.56 -2.98
N ASN A 95 -0.31 21.47 -3.57
CA ASN A 95 -0.77 21.12 -4.91
C ASN A 95 -1.02 19.60 -5.09
N ARG A 96 -1.46 18.96 -4.01
CA ARG A 96 -1.81 17.55 -4.04
C ARG A 96 -3.00 17.30 -3.12
N SER A 97 -4.05 16.71 -3.68
CA SER A 97 -5.26 16.38 -2.93
C SER A 97 -5.00 15.20 -1.99
N LEU A 98 -5.83 15.07 -0.98
CA LEU A 98 -5.71 13.97 -0.03
C LEU A 98 -5.92 12.66 -0.79
N LEU A 99 -6.36 12.74 -2.04
CA LEU A 99 -6.55 11.53 -2.84
C LEU A 99 -5.17 11.04 -3.32
N PHE A 100 -4.23 11.98 -3.48
CA PHE A 100 -2.87 11.67 -3.90
C PHE A 100 -2.33 10.66 -2.89
N MET A 101 -2.41 10.98 -1.60
CA MET A 101 -1.93 10.03 -0.60
C MET A 101 -2.70 8.72 -0.70
N GLN A 102 -4.02 8.83 -0.79
CA GLN A 102 -4.86 7.65 -0.79
C GLN A 102 -4.65 6.68 -1.92
N TRP A 103 -4.32 7.18 -3.10
CA TRP A 103 -4.13 6.28 -4.21
C TRP A 103 -2.86 5.48 -4.07
N GLY A 104 -1.85 6.09 -3.47
CA GLY A 104 -0.59 5.40 -3.27
C GLY A 104 -0.78 4.19 -2.38
N GLN A 105 -1.62 4.32 -1.36
CA GLN A 105 -1.87 3.23 -0.44
C GLN A 105 -2.63 2.07 -1.10
N ILE A 106 -3.43 2.39 -2.11
CA ILE A 106 -4.16 1.37 -2.87
C ILE A 106 -3.11 0.57 -3.69
N VAL A 107 -2.40 1.29 -4.57
CA VAL A 107 -1.36 0.71 -5.40
C VAL A 107 -0.42 -0.14 -4.57
N ASP A 108 0.04 0.41 -3.47
CA ASP A 108 0.91 -0.29 -2.54
C ASP A 108 0.33 -1.65 -2.14
N HIS A 109 -0.94 -1.64 -1.72
CA HIS A 109 -1.61 -2.85 -1.26
C HIS A 109 -1.97 -3.82 -2.38
N ASP A 110 -1.86 -3.33 -3.60
CA ASP A 110 -2.11 -4.14 -4.79
C ASP A 110 -0.80 -4.86 -5.08
N LEU A 111 0.32 -4.25 -4.76
CA LEU A 111 1.59 -4.86 -5.10
C LEU A 111 2.28 -5.73 -4.06
N ASP A 112 2.28 -5.32 -2.80
CA ASP A 112 2.99 -6.10 -1.79
C ASP A 112 2.43 -6.20 -0.37
N PHE A 113 2.74 -7.31 0.29
CA PHE A 113 2.33 -7.59 1.66
C PHE A 113 3.25 -8.67 2.27
N ALA A 114 3.92 -8.33 3.37
CA ALA A 114 4.76 -9.27 4.06
C ALA A 114 4.11 -9.45 5.42
N PRO A 115 3.16 -10.41 5.53
CA PRO A 115 2.43 -10.68 6.78
C PRO A 115 3.34 -11.04 7.96
N GLU A 116 2.77 -11.02 9.16
CA GLU A 116 3.52 -11.37 10.36
C GLU A 116 3.48 -12.87 10.56
N THR A 117 4.38 -13.34 11.41
CA THR A 117 4.43 -14.75 11.76
C THR A 117 3.29 -14.99 12.75
N GLU A 118 2.72 -16.19 12.73
CA GLU A 118 1.67 -16.53 13.68
C GLU A 118 2.24 -17.51 14.73
N LEU A 119 1.97 -18.81 14.53
CA LEU A 119 2.38 -19.89 15.43
C LEU A 119 1.76 -19.67 16.82
N GLY A 120 0.43 -19.76 16.82
CA GLY A 120 -0.34 -19.57 18.03
C GLY A 120 -1.77 -19.13 17.79
N SER A 121 -2.64 -20.06 17.37
CA SER A 121 -4.06 -19.76 17.18
C SER A 121 -4.56 -19.78 18.64
N ASN A 122 -3.55 -19.71 19.52
CA ASN A 122 -3.64 -19.69 20.98
C ASN A 122 -2.20 -20.04 21.38
N GLU A 123 -1.52 -19.10 22.04
CA GLU A 123 -0.14 -19.33 22.47
C GLU A 123 0.28 -18.28 23.49
N HIS A 124 1.26 -18.65 24.31
CA HIS A 124 1.76 -17.74 25.31
C HIS A 124 2.81 -16.80 24.73
N SER A 125 3.12 -16.95 23.44
CA SER A 125 4.10 -16.07 22.79
C SER A 125 3.45 -14.76 22.33
N LYS A 126 2.16 -14.80 21.98
CA LYS A 126 1.48 -13.56 21.58
C LYS A 126 1.08 -12.81 22.86
N THR A 127 1.63 -13.25 23.99
CA THR A 127 1.41 -12.59 25.27
C THR A 127 2.73 -12.50 26.09
N GLN A 128 3.69 -13.40 25.84
CA GLN A 128 4.98 -13.31 26.53
C GLN A 128 5.74 -12.14 25.88
N CYS A 129 5.43 -11.89 24.60
CA CYS A 129 6.07 -10.80 23.85
C CYS A 129 5.52 -9.44 24.26
N GLU A 130 4.20 -9.34 24.38
CA GLU A 130 3.59 -8.08 24.76
C GLU A 130 3.69 -7.77 26.24
N GLU A 131 3.72 -8.80 27.09
CA GLU A 131 3.77 -8.58 28.52
C GLU A 131 5.11 -8.47 29.23
N TYR A 132 6.17 -9.04 28.64
CA TYR A 132 7.46 -8.96 29.31
C TYR A 132 8.62 -8.49 28.43
N CYS A 133 8.33 -8.23 27.15
CA CYS A 133 9.31 -7.75 26.17
C CYS A 133 10.53 -8.65 26.02
N ILE A 134 10.37 -9.91 26.40
CA ILE A 134 11.45 -10.87 26.28
C ILE A 134 11.65 -11.14 24.79
N GLN A 135 12.86 -10.87 24.31
CA GLN A 135 13.21 -11.11 22.91
C GLN A 135 13.39 -12.62 22.76
N GLY A 136 12.88 -13.18 21.67
CA GLY A 136 12.99 -14.62 21.48
C GLY A 136 12.18 -15.12 20.31
N ASP A 137 12.77 -16.02 19.54
CA ASP A 137 12.15 -16.57 18.34
C ASP A 137 11.61 -15.41 17.50
N ASN A 138 10.32 -15.44 17.16
CA ASN A 138 9.82 -14.36 16.33
C ASN A 138 9.39 -13.07 17.03
N CYS A 139 9.64 -13.00 18.33
CA CYS A 139 9.33 -11.80 19.10
C CYS A 139 10.59 -10.94 19.15
N PHE A 140 10.51 -9.79 18.49
CA PHE A 140 11.62 -8.85 18.37
C PHE A 140 11.02 -7.50 18.78
N PRO A 141 10.93 -7.27 20.10
CA PRO A 141 10.36 -6.07 20.70
C PRO A 141 11.02 -4.76 20.35
N ILE A 142 10.24 -3.69 20.42
CA ILE A 142 10.77 -2.36 20.18
C ILE A 142 10.88 -1.74 21.57
N MET A 143 12.09 -1.79 22.13
CA MET A 143 12.37 -1.25 23.46
C MET A 143 12.25 0.26 23.47
N PHE A 144 11.84 0.80 24.61
CA PHE A 144 11.74 2.25 24.74
C PHE A 144 13.07 2.75 25.29
N PRO A 145 13.51 3.91 24.81
CA PRO A 145 14.77 4.53 25.25
C PRO A 145 14.55 5.22 26.60
N LYS A 146 15.64 5.57 27.28
CA LYS A 146 15.55 6.32 28.53
C LYS A 146 14.98 7.68 28.13
N ASN A 147 13.95 8.14 28.84
CA ASN A 147 13.30 9.44 28.63
C ASN A 147 12.08 9.52 27.69
N ASP A 148 11.67 8.39 27.12
CA ASP A 148 10.49 8.39 26.26
C ASP A 148 9.28 8.48 27.17
N PRO A 149 8.34 9.40 26.85
CA PRO A 149 7.14 9.54 27.67
C PRO A 149 6.45 8.19 27.83
N LYS A 150 6.30 7.50 26.71
CA LYS A 150 5.64 6.20 26.67
C LYS A 150 6.08 5.19 27.75
N LEU A 151 7.27 5.40 28.29
CA LEU A 151 7.78 4.57 29.38
C LEU A 151 6.85 4.72 30.57
N LYS A 152 6.53 5.96 30.89
CA LYS A 152 5.69 6.28 32.03
C LYS A 152 4.30 5.69 32.01
N THR A 153 3.69 5.59 30.84
CA THR A 153 2.30 5.12 30.73
C THR A 153 2.00 3.83 30.02
N GLN A 154 2.97 3.30 29.27
CA GLN A 154 2.73 2.08 28.51
C GLN A 154 3.43 0.78 28.89
N GLY A 155 4.71 0.86 29.25
CA GLY A 155 5.42 -0.35 29.62
C GLY A 155 6.87 -0.25 29.23
N LYS A 156 7.50 -1.38 28.92
CA LYS A 156 8.91 -1.37 28.57
C LYS A 156 9.16 -1.39 27.06
N CYS A 157 8.16 -1.79 26.30
CA CYS A 157 8.34 -1.90 24.85
C CYS A 157 7.07 -1.97 24.04
N MET A 158 7.20 -1.78 22.74
CA MET A 158 6.06 -1.96 21.88
C MET A 158 6.33 -3.33 21.26
N PRO A 159 5.42 -4.29 21.45
CA PRO A 159 5.57 -5.63 20.89
C PRO A 159 5.69 -5.57 19.38
N PHE A 160 6.44 -6.50 18.81
CA PHE A 160 6.71 -6.55 17.36
C PHE A 160 7.18 -7.96 17.00
N PHE A 161 6.48 -8.58 16.06
CA PHE A 161 6.81 -9.95 15.63
C PHE A 161 7.44 -9.95 14.27
N ARG A 162 8.49 -10.76 14.10
CA ARG A 162 9.16 -10.81 12.81
C ARG A 162 8.21 -11.26 11.69
N ALA A 163 8.46 -10.77 10.48
CA ALA A 163 7.62 -11.07 9.32
C ALA A 163 7.79 -12.51 8.79
N GLY A 164 6.76 -12.99 8.10
CA GLY A 164 6.78 -14.32 7.53
C GLY A 164 7.95 -14.55 6.60
N PHE A 165 8.33 -15.82 6.39
CA PHE A 165 9.46 -16.15 5.53
C PHE A 165 9.29 -17.47 4.74
N VAL A 166 9.73 -17.45 3.48
CA VAL A 166 9.57 -18.60 2.61
C VAL A 166 10.15 -19.93 3.02
N CYS A 167 10.03 -20.88 2.10
CA CYS A 167 10.31 -22.28 2.34
C CYS A 167 9.36 -22.42 3.58
N PRO A 168 9.53 -23.43 4.45
CA PRO A 168 8.73 -23.71 5.66
C PRO A 168 8.09 -22.57 6.45
N THR A 169 8.02 -22.88 7.73
CA THR A 169 7.61 -21.97 8.78
C THR A 169 8.56 -22.43 9.91
N PRO A 170 8.09 -22.84 11.12
CA PRO A 170 8.98 -23.24 12.24
C PRO A 170 10.42 -22.66 12.26
N PRO A 171 11.22 -22.98 13.31
CA PRO A 171 12.61 -22.48 13.43
C PRO A 171 13.41 -22.87 12.17
N TYR A 172 13.86 -21.90 11.37
CA TYR A 172 14.57 -22.25 10.14
C TYR A 172 16.01 -21.73 9.89
N GLN A 173 16.75 -22.51 9.05
CA GLN A 173 18.18 -22.30 8.74
C GLN A 173 18.69 -22.01 7.30
N SER A 174 19.46 -22.97 6.77
CA SER A 174 20.14 -23.05 5.43
C SER A 174 20.56 -21.74 4.79
N LEU A 175 19.63 -21.15 4.14
CA LEU A 175 19.80 -19.96 3.34
C LEU A 175 19.51 -18.69 4.13
N ALA A 176 19.65 -17.55 3.46
CA ALA A 176 19.32 -16.28 4.08
C ALA A 176 17.79 -16.23 4.12
N ARG A 177 17.26 -15.75 5.24
CA ARG A 177 15.82 -15.62 5.44
C ARG A 177 15.20 -14.73 4.36
N GLU A 178 14.12 -15.19 3.72
CA GLU A 178 13.45 -14.39 2.69
C GLU A 178 11.96 -14.25 3.04
N GLN A 179 11.46 -13.02 3.07
CA GLN A 179 10.06 -12.76 3.41
C GLN A 179 9.10 -13.06 2.26
N ILE A 180 7.87 -13.38 2.62
CA ILE A 180 6.86 -13.74 1.63
C ILE A 180 6.08 -12.54 1.16
N ASN A 181 5.58 -12.62 -0.07
CA ASN A 181 4.70 -11.60 -0.62
C ASN A 181 3.37 -12.33 -0.84
N ALA A 182 2.42 -12.13 0.06
CA ALA A 182 1.10 -12.80 0.00
C ALA A 182 0.12 -12.21 -1.03
N VAL A 183 0.65 -11.32 -1.86
CA VAL A 183 -0.13 -10.59 -2.84
C VAL A 183 0.55 -10.70 -4.21
N THR A 184 -0.19 -10.44 -5.30
CA THR A 184 0.41 -10.53 -6.63
C THR A 184 1.23 -9.31 -6.98
N SER A 185 2.31 -9.53 -7.72
CA SER A 185 3.22 -8.46 -8.12
C SER A 185 2.75 -7.53 -9.23
N PHE A 186 1.73 -7.94 -9.96
CA PHE A 186 1.22 -7.12 -11.06
C PHE A 186 0.10 -6.15 -10.66
N LEU A 187 0.04 -4.98 -11.29
CA LEU A 187 -1.02 -4.01 -11.01
C LEU A 187 -2.25 -4.68 -11.60
N ASP A 188 -3.01 -5.37 -10.76
CA ASP A 188 -4.15 -6.11 -11.26
C ASP A 188 -5.39 -6.06 -10.38
N ALA A 189 -5.41 -5.10 -9.48
CA ALA A 189 -6.54 -4.93 -8.57
C ALA A 189 -6.80 -6.18 -7.72
N SER A 190 -5.71 -6.83 -7.32
CA SER A 190 -5.76 -8.02 -6.49
C SER A 190 -6.32 -7.66 -5.10
N LEU A 191 -6.27 -6.37 -4.78
CA LEU A 191 -6.78 -5.91 -3.50
C LEU A 191 -8.32 -5.93 -3.53
N VAL A 192 -8.90 -6.03 -4.72
CA VAL A 192 -10.35 -6.08 -4.91
C VAL A 192 -10.83 -7.50 -5.08
N TYR A 193 -10.08 -8.30 -5.84
CA TYR A 193 -10.47 -9.66 -6.12
C TYR A 193 -9.81 -10.78 -5.33
N GLY A 194 -8.82 -10.44 -4.52
CA GLY A 194 -8.11 -11.43 -3.73
C GLY A 194 -6.89 -11.95 -4.46
N SER A 195 -6.01 -12.66 -3.75
CA SER A 195 -4.89 -13.38 -4.29
C SER A 195 -5.18 -14.87 -4.23
N GLU A 196 -6.16 -15.33 -3.47
CA GLU A 196 -6.29 -16.75 -3.21
C GLU A 196 -7.67 -17.17 -3.69
N PRO A 197 -7.68 -18.37 -4.17
CA PRO A 197 -8.94 -18.99 -4.64
C PRO A 197 -10.06 -18.99 -3.61
N SEP A 198 -9.37 -19.70 -2.71
CA SEP A 198 -10.40 -19.38 -1.92
CB SEP A 198 -9.23 -19.47 -0.62
OG SEP A 198 -8.34 -20.38 -1.39
C SEP A 198 -11.00 -18.26 -1.60
O SEP A 198 -12.37 -17.70 -1.55
P SEP A 198 -6.84 -20.82 -0.96
O1P SEP A 198 -6.02 -21.89 -1.73
O2P SEP A 198 -6.56 -21.05 0.59
O3P SEP A 198 -6.01 -19.55 -1.39
N LEU A 199 -10.21 -17.27 -1.17
CA LEU A 199 -10.77 -15.97 -0.80
C LEU A 199 -11.48 -15.34 -2.00
N ALA A 200 -10.92 -15.50 -3.19
CA ALA A 200 -11.49 -14.90 -4.39
C ALA A 200 -12.93 -15.32 -4.60
N SER A 201 -13.22 -16.59 -4.30
CA SER A 201 -14.56 -17.15 -4.45
C SER A 201 -15.48 -16.55 -3.41
N ARG A 202 -15.06 -16.58 -2.15
CA ARG A 202 -15.84 -16.03 -1.06
C ARG A 202 -16.38 -14.66 -1.46
N LEU A 203 -15.50 -13.83 -2.00
CA LEU A 203 -15.83 -12.47 -2.42
C LEU A 203 -16.92 -12.34 -3.48
N GLN A 204 -17.02 -13.34 -4.34
CA GLN A 204 -18.00 -13.31 -5.41
C GLN A 204 -19.45 -13.59 -4.98
N ASN A 205 -20.39 -13.01 -5.73
CA ASN A 205 -21.84 -13.27 -5.54
C ASN A 205 -22.03 -14.43 -6.56
N LEU A 206 -22.26 -15.63 -6.05
CA LEU A 206 -22.47 -16.79 -6.92
C LEU A 206 -23.86 -17.41 -6.64
N SER A 207 -24.74 -16.58 -6.08
CA SER A 207 -26.10 -16.98 -5.81
C SER A 207 -26.84 -16.69 -7.12
N SER A 208 -26.28 -15.79 -7.92
CA SER A 208 -26.87 -15.40 -9.21
C SER A 208 -25.83 -15.39 -10.36
N PRO A 209 -26.28 -15.59 -11.60
CA PRO A 209 -25.37 -15.62 -12.74
C PRO A 209 -25.04 -14.26 -13.35
N LEU A 210 -25.18 -13.21 -12.55
CA LEU A 210 -24.92 -11.86 -13.06
C LEU A 210 -23.45 -11.45 -12.99
N GLY A 211 -22.61 -12.30 -12.41
CA GLY A 211 -21.19 -12.02 -12.29
C GLY A 211 -20.95 -10.81 -11.41
N LEU A 212 -21.56 -10.80 -10.24
CA LEU A 212 -21.43 -9.69 -9.32
C LEU A 212 -20.61 -10.06 -8.11
N MET A 213 -20.09 -9.04 -7.44
CA MET A 213 -19.32 -9.26 -6.22
C MET A 213 -20.35 -9.19 -5.10
N ALA A 214 -20.03 -9.82 -3.99
CA ALA A 214 -20.91 -9.86 -2.83
C ALA A 214 -20.99 -8.51 -2.16
N VAL A 215 -22.18 -8.13 -1.72
CA VAL A 215 -22.34 -6.87 -1.03
C VAL A 215 -23.03 -7.11 0.32
N ASN A 216 -22.81 -6.17 1.22
CA ASN A 216 -23.37 -6.21 2.56
C ASN A 216 -24.89 -6.30 2.41
N GLN A 217 -25.53 -7.14 3.20
CA GLN A 217 -26.97 -7.27 3.14
C GLN A 217 -27.62 -6.55 4.31
N GLU A 218 -26.83 -6.23 5.35
CA GLU A 218 -27.34 -5.54 6.54
C GLU A 218 -27.39 -4.00 6.48
N ALA A 219 -26.45 -3.37 5.77
CA ALA A 219 -26.47 -1.91 5.65
C ALA A 219 -26.40 -1.43 4.20
N TRP A 220 -27.00 -0.27 3.93
CA TRP A 220 -27.01 0.30 2.59
C TRP A 220 -26.67 1.79 2.58
N ASP A 221 -26.15 2.26 1.46
CA ASP A 221 -25.75 3.66 1.34
C ASP A 221 -26.54 4.30 0.20
N HIS A 222 -27.72 4.85 0.56
CA HIS A 222 -28.64 5.48 -0.39
C HIS A 222 -28.85 4.57 -1.61
N GLY A 223 -29.05 3.27 -1.36
CA GLY A 223 -29.26 2.32 -2.43
C GLY A 223 -28.01 1.88 -3.15
N LEU A 224 -26.88 2.45 -2.75
CA LEU A 224 -25.58 2.09 -3.33
C LEU A 224 -25.04 1.09 -2.31
N ALA A 225 -24.18 0.20 -2.78
CA ALA A 225 -23.63 -0.86 -1.92
C ALA A 225 -22.45 -0.55 -0.99
N TYR A 226 -22.25 -1.45 -0.04
CA TYR A 226 -21.16 -1.37 0.91
C TYR A 226 -20.45 -2.71 0.79
N LEU A 227 -19.24 -2.79 1.34
CA LEU A 227 -18.50 -4.06 1.33
C LEU A 227 -19.15 -4.97 2.37
N PRO A 228 -19.01 -6.30 2.22
CA PRO A 228 -19.60 -7.24 3.18
C PRO A 228 -18.89 -7.09 4.50
N PHE A 229 -19.49 -7.58 5.58
CA PHE A 229 -18.80 -7.54 6.87
C PHE A 229 -17.98 -8.83 6.94
N ASN A 230 -17.08 -8.91 7.90
CA ASN A 230 -16.27 -10.11 8.03
C ASN A 230 -16.78 -11.09 9.07
N ASN A 231 -16.61 -12.37 8.76
CA ASN A 231 -16.98 -13.49 9.64
C ASN A 231 -16.25 -13.31 10.99
N ARG A 232 -14.97 -12.94 10.87
CA ARG A 232 -14.03 -12.81 11.99
C ARG A 232 -14.38 -12.25 13.35
N LYS A 233 -14.29 -13.13 14.33
CA LYS A 233 -14.48 -12.74 15.72
C LYS A 233 -13.35 -13.44 16.44
N PRO A 234 -12.58 -12.69 17.24
CA PRO A 234 -12.75 -11.25 17.49
C PRO A 234 -12.53 -10.35 16.27
N SER A 235 -12.95 -9.09 16.41
CA SER A 235 -12.85 -8.10 15.35
C SER A 235 -12.43 -6.76 15.94
N PRO A 236 -11.34 -6.16 15.43
CA PRO A 236 -10.85 -4.87 15.93
C PRO A 236 -11.83 -3.73 15.66
N CYS A 237 -12.47 -3.76 14.49
CA CYS A 237 -13.43 -2.73 14.10
C CYS A 237 -14.60 -2.72 15.07
N GLU A 238 -14.83 -3.87 15.70
CA GLU A 238 -15.91 -4.05 16.67
C GLU A 238 -15.40 -3.57 18.03
N PHE A 239 -14.13 -3.87 18.31
CA PHE A 239 -13.47 -3.51 19.57
C PHE A 239 -13.26 -2.00 19.75
N ILE A 240 -13.40 -1.25 18.66
CA ILE A 240 -13.21 0.20 18.66
C ILE A 240 -14.39 0.99 19.23
N ASN A 241 -15.56 0.34 19.33
CA ASN A 241 -16.78 0.94 19.91
C ASN A 241 -17.70 -0.24 20.29
N THR A 242 -17.43 -0.85 21.44
CA THR A 242 -18.21 -2.00 21.89
C THR A 242 -19.72 -1.81 21.88
N THR A 243 -20.16 -0.55 21.88
CA THR A 243 -21.58 -0.24 21.82
C THR A 243 -22.08 -0.41 20.38
N ALA A 244 -21.42 0.24 19.42
CA ALA A 244 -21.83 0.16 18.01
C ALA A 244 -21.75 -1.25 17.38
N ARG A 245 -20.64 -1.93 17.60
CA ARG A 245 -20.44 -3.28 17.08
C ARG A 245 -20.60 -3.43 15.58
N VAL A 246 -19.73 -2.75 14.83
CA VAL A 246 -19.72 -2.83 13.37
C VAL A 246 -18.39 -3.49 13.01
N PRO A 247 -18.43 -4.73 12.50
CA PRO A 247 -17.18 -5.44 12.14
C PRO A 247 -16.44 -4.80 10.98
N CYS A 248 -15.23 -5.27 10.73
CA CYS A 248 -14.45 -4.75 9.65
C CYS A 248 -15.08 -5.20 8.32
N PHE A 249 -14.60 -4.66 7.21
CA PHE A 249 -15.15 -5.05 5.92
C PHE A 249 -14.36 -6.21 5.36
N LEU A 250 -14.93 -6.88 4.37
CA LEU A 250 -14.27 -7.99 3.71
C LEU A 250 -13.94 -7.56 2.29
N ALA A 251 -12.65 -7.60 1.96
CA ALA A 251 -12.20 -7.23 0.63
C ALA A 251 -11.07 -8.17 0.21
N GLY A 252 -10.62 -8.00 -1.03
CA GLY A 252 -9.55 -8.83 -1.57
C GLY A 252 -8.23 -8.75 -0.83
N ASP A 253 -8.04 -7.70 -0.06
CA ASP A 253 -6.83 -7.54 0.71
C ASP A 253 -7.20 -7.30 2.18
N PHE A 254 -6.60 -8.07 3.07
CA PHE A 254 -6.92 -8.01 4.49
C PHE A 254 -6.74 -6.69 5.21
N ARG A 255 -5.90 -5.83 4.69
CA ARG A 255 -5.64 -4.55 5.33
C ARG A 255 -6.70 -3.48 5.02
N ALA A 256 -7.70 -3.85 4.23
CA ALA A 256 -8.73 -2.90 3.80
C ALA A 256 -9.35 -1.96 4.83
N SER A 257 -9.60 -2.47 6.02
CA SER A 257 -10.25 -1.68 7.05
C SER A 257 -9.31 -0.98 8.02
N GLU A 258 -8.02 -0.92 7.72
CA GLU A 258 -7.04 -0.29 8.61
C GLU A 258 -7.36 1.17 8.98
N GLN A 259 -7.94 1.92 8.04
CA GLN A 259 -8.38 3.28 8.33
C GLN A 259 -9.60 3.57 7.45
N ILE A 260 -10.48 4.44 7.95
CA ILE A 260 -11.73 4.74 7.27
C ILE A 260 -11.62 5.16 5.81
N LEU A 261 -10.72 6.07 5.52
CA LEU A 261 -10.56 6.57 4.16
C LEU A 261 -10.05 5.52 3.19
N LEU A 262 -9.47 4.44 3.69
CA LEU A 262 -8.97 3.37 2.81
C LEU A 262 -10.14 2.45 2.52
N ALA A 263 -10.97 2.20 3.52
CA ALA A 263 -12.15 1.37 3.36
C ALA A 263 -13.03 2.03 2.28
N THR A 264 -13.10 3.35 2.32
CA THR A 264 -13.85 4.16 1.34
C THR A 264 -13.40 3.83 -0.09
N ALA A 265 -12.10 3.95 -0.35
CA ALA A 265 -11.60 3.64 -1.68
C ALA A 265 -11.97 2.21 -2.08
N HIS A 266 -11.77 1.27 -1.17
CA HIS A 266 -12.08 -0.13 -1.45
C HIS A 266 -13.51 -0.29 -1.90
N THR A 267 -14.43 0.42 -1.24
CA THR A 267 -15.83 0.31 -1.59
C THR A 267 -16.23 1.04 -2.87
N LEU A 268 -15.49 2.09 -3.23
CA LEU A 268 -15.80 2.75 -4.49
C LEU A 268 -15.42 1.74 -5.61
N LEU A 269 -14.33 0.99 -5.41
CA LEU A 269 -13.84 0.01 -6.40
C LEU A 269 -14.79 -1.17 -6.64
N LEU A 270 -15.32 -1.71 -5.54
CA LEU A 270 -16.26 -2.82 -5.59
C LEU A 270 -17.44 -2.33 -6.42
N ARG A 271 -17.91 -1.13 -6.07
CA ARG A 271 -19.03 -0.52 -6.77
C ARG A 271 -18.77 -0.44 -8.27
N GLU A 272 -17.57 -0.04 -8.65
CA GLU A 272 -17.22 0.07 -10.07
C GLU A 272 -17.33 -1.29 -10.78
N HIS A 273 -17.03 -2.37 -10.07
CA HIS A 273 -17.14 -3.71 -10.64
C HIS A 273 -18.60 -4.02 -10.98
N ASN A 274 -19.43 -4.01 -9.94
CA ASN A 274 -20.84 -4.30 -10.10
C ASN A 274 -21.44 -3.43 -11.19
N ARG A 275 -21.08 -2.16 -11.24
CA ARG A 275 -21.60 -1.26 -12.26
C ARG A 275 -21.17 -1.75 -13.64
N LEU A 276 -19.90 -2.09 -13.77
CA LEU A 276 -19.36 -2.56 -15.02
C LEU A 276 -20.05 -3.87 -15.38
N ALA A 277 -20.25 -4.73 -14.38
CA ALA A 277 -20.87 -6.04 -14.60
C ALA A 277 -22.26 -5.93 -15.21
N ARG A 278 -23.09 -5.09 -14.62
CA ARG A 278 -24.45 -4.88 -15.12
C ARG A 278 -24.38 -4.35 -16.54
N GLU A 279 -23.75 -3.20 -16.74
CA GLU A 279 -23.64 -2.62 -18.07
C GLU A 279 -23.26 -3.68 -19.11
N LEU A 280 -22.20 -4.43 -18.84
CA LEU A 280 -21.75 -5.47 -19.75
C LEU A 280 -22.90 -6.44 -20.06
N LYS A 281 -23.62 -6.86 -19.02
CA LYS A 281 -24.76 -7.76 -19.18
C LYS A 281 -25.80 -7.17 -20.13
N LYS A 282 -26.00 -5.85 -20.08
CA LYS A 282 -26.98 -5.20 -20.96
C LYS A 282 -26.57 -5.30 -22.41
N LEU A 283 -25.33 -4.94 -22.71
CA LEU A 283 -24.87 -5.02 -24.08
C LEU A 283 -24.77 -6.44 -24.59
N ASN A 284 -24.38 -7.38 -23.71
CA ASN A 284 -24.23 -8.76 -24.10
C ASN A 284 -25.05 -9.70 -23.20
N PRO A 285 -26.37 -9.76 -23.47
CA PRO A 285 -27.30 -10.58 -22.70
C PRO A 285 -26.98 -12.05 -22.56
N GLN A 286 -26.18 -12.58 -23.48
CA GLN A 286 -25.87 -14.00 -23.44
C GLN A 286 -24.58 -14.40 -22.73
N TRP A 287 -23.86 -13.41 -22.19
CA TRP A 287 -22.63 -13.70 -21.48
C TRP A 287 -22.86 -14.34 -20.09
N ASP A 288 -21.82 -15.06 -19.67
CA ASP A 288 -21.70 -15.84 -18.43
C ASP A 288 -21.51 -15.09 -17.12
N GLY A 289 -21.82 -15.79 -16.03
CA GLY A 289 -21.58 -15.23 -14.71
C GLY A 289 -20.06 -15.05 -14.70
N GLU A 290 -19.32 -16.12 -15.00
CA GLU A 290 -17.86 -16.04 -15.02
C GLU A 290 -17.43 -14.99 -16.04
N LYS A 291 -17.96 -15.09 -17.26
CA LYS A 291 -17.60 -14.15 -18.32
C LYS A 291 -17.80 -12.73 -17.88
N LEU A 292 -18.92 -12.45 -17.24
CA LEU A 292 -19.18 -11.09 -16.77
C LEU A 292 -18.11 -10.71 -15.72
N TYR A 293 -17.87 -11.62 -14.77
CA TYR A 293 -16.89 -11.40 -13.70
C TYR A 293 -15.51 -11.06 -14.24
N GLN A 294 -14.95 -11.93 -15.06
CA GLN A 294 -13.62 -11.71 -15.62
C GLN A 294 -13.54 -10.45 -16.49
N GLU A 295 -14.52 -10.23 -17.36
CA GLU A 295 -14.49 -9.07 -18.25
C GLU A 295 -14.53 -7.75 -17.51
N ALA A 296 -15.37 -7.66 -16.49
CA ALA A 296 -15.42 -6.42 -15.71
C ALA A 296 -14.07 -6.31 -15.01
N ARG A 297 -13.64 -7.44 -14.43
CA ARG A 297 -12.37 -7.53 -13.70
C ARG A 297 -11.17 -7.11 -14.55
N LYS A 298 -11.24 -7.40 -15.84
CA LYS A 298 -10.19 -7.04 -16.77
C LYS A 298 -10.28 -5.52 -17.03
N ILE A 299 -11.48 -4.98 -17.14
CA ILE A 299 -11.63 -3.54 -17.38
C ILE A 299 -11.17 -2.76 -16.17
N LEU A 300 -11.45 -3.29 -14.98
CA LEU A 300 -11.07 -2.67 -13.71
C LEU A 300 -9.55 -2.64 -13.53
N GLY A 301 -8.89 -3.78 -13.73
CA GLY A 301 -7.43 -3.82 -13.64
C GLY A 301 -6.80 -2.82 -14.60
N ALA A 302 -7.42 -2.66 -15.77
CA ALA A 302 -6.94 -1.71 -16.77
C ALA A 302 -7.08 -0.31 -16.21
N PHE A 303 -8.13 -0.10 -15.43
CA PHE A 303 -8.36 1.19 -14.83
C PHE A 303 -7.24 1.51 -13.84
N VAL A 304 -7.07 0.65 -12.83
CA VAL A 304 -6.06 0.86 -11.80
C VAL A 304 -4.67 1.11 -12.38
N GLN A 305 -4.43 0.54 -13.56
CA GLN A 305 -3.14 0.71 -14.21
C GLN A 305 -3.05 2.08 -14.87
N ILE A 306 -4.08 2.47 -15.61
CA ILE A 306 -4.09 3.76 -16.30
C ILE A 306 -3.95 4.93 -15.34
N ILE A 307 -4.71 4.93 -14.26
CA ILE A 307 -4.61 6.04 -13.33
C ILE A 307 -3.22 6.03 -12.64
N THR A 308 -2.72 4.85 -12.27
CA THR A 308 -1.43 4.75 -11.63
C THR A 308 -0.35 5.30 -12.56
N PHE A 309 -0.23 4.71 -13.74
CA PHE A 309 0.82 5.14 -14.66
C PHE A 309 0.63 6.46 -15.40
N ARG A 310 -0.61 6.85 -15.67
CA ARG A 310 -0.83 8.11 -16.36
C ARG A 310 -1.03 9.28 -15.42
N ASP A 311 -1.71 9.05 -14.31
CA ASP A 311 -2.01 10.18 -13.44
C ASP A 311 -1.24 10.30 -12.14
N TYR A 312 -0.88 9.16 -11.56
CA TYR A 312 -0.20 9.16 -10.28
C TYR A 312 1.33 9.12 -10.31
N LEU A 313 1.92 8.32 -11.17
CA LEU A 313 3.37 8.24 -11.19
C LEU A 313 4.06 9.52 -11.65
N PRO A 314 3.61 10.11 -12.77
CA PRO A 314 4.21 11.34 -13.27
C PRO A 314 4.41 12.37 -12.19
N ILE A 315 3.64 12.28 -11.12
CA ILE A 315 3.77 13.27 -10.06
C ILE A 315 4.44 12.80 -8.78
N VAL A 316 4.84 11.53 -8.73
CA VAL A 316 5.57 11.08 -7.54
C VAL A 316 7.03 11.20 -7.95
N LEU A 317 7.32 10.83 -9.19
CA LEU A 317 8.67 10.88 -9.73
C LEU A 317 9.07 12.25 -10.27
N GLY A 318 8.11 12.96 -10.83
CA GLY A 318 8.38 14.28 -11.37
C GLY A 318 9.19 14.22 -12.66
N SER A 319 10.24 15.04 -12.71
CA SER A 319 11.08 15.09 -13.88
C SER A 319 11.85 13.77 -14.07
N GLU A 320 12.03 13.01 -12.99
CA GLU A 320 12.76 11.73 -13.07
C GLU A 320 11.92 10.60 -13.66
N MET A 321 10.72 10.95 -14.13
CA MET A 321 9.79 10.00 -14.75
C MET A 321 10.39 9.47 -16.05
N GLN A 322 10.76 10.37 -16.95
CA GLN A 322 11.32 9.99 -18.26
C GLN A 322 12.55 9.07 -18.19
N LYS A 323 13.40 9.27 -17.18
CA LYS A 323 14.64 8.51 -17.02
C LYS A 323 14.56 7.03 -16.61
N TRP A 324 13.56 6.66 -15.82
CA TRP A 324 13.43 5.27 -15.39
C TRP A 324 12.35 4.51 -16.15
N ILE A 325 11.28 5.21 -16.52
CA ILE A 325 10.15 4.60 -17.21
C ILE A 325 9.94 5.22 -18.60
N PRO A 326 10.69 4.76 -19.60
CA PRO A 326 10.56 5.26 -20.98
C PRO A 326 9.23 4.78 -21.52
N PRO A 327 8.70 5.40 -22.59
CA PRO A 327 7.39 4.97 -23.11
C PRO A 327 7.30 3.49 -23.41
N TYR A 328 6.09 2.93 -23.26
CA TYR A 328 5.85 1.52 -23.49
C TYR A 328 6.25 1.05 -24.91
N GLN A 329 7.00 -0.06 -24.96
CA GLN A 329 7.52 -0.65 -26.19
C GLN A 329 7.14 -2.12 -26.42
N GLY A 330 6.19 -2.61 -25.65
CA GLY A 330 5.75 -4.00 -25.77
C GLY A 330 6.19 -4.87 -24.61
N TYR A 331 5.48 -5.96 -24.39
CA TYR A 331 5.80 -6.90 -23.32
C TYR A 331 7.16 -7.59 -23.59
N ASN A 332 7.99 -7.65 -22.57
CA ASN A 332 9.31 -8.28 -22.64
C ASN A 332 9.29 -9.42 -21.63
N ASN A 333 9.33 -10.67 -22.11
CA ASN A 333 9.31 -11.84 -21.23
C ASN A 333 10.54 -12.07 -20.34
N SER A 334 11.64 -11.40 -20.66
CA SER A 334 12.88 -11.52 -19.91
C SER A 334 12.95 -10.59 -18.72
N VAL A 335 12.07 -9.59 -18.67
CA VAL A 335 12.00 -8.64 -17.57
C VAL A 335 11.28 -9.30 -16.38
N ASP A 336 11.97 -9.34 -15.24
CA ASP A 336 11.50 -9.97 -14.01
C ASP A 336 10.46 -9.09 -13.31
N PRO A 337 9.17 -9.49 -13.35
CA PRO A 337 8.03 -8.77 -12.76
C PRO A 337 7.85 -8.75 -11.21
N ARG A 338 8.64 -9.56 -10.51
CA ARG A 338 8.61 -9.68 -9.03
C ARG A 338 8.88 -8.41 -8.25
N ILE A 339 8.10 -8.21 -7.19
CA ILE A 339 8.29 -7.03 -6.36
C ILE A 339 9.45 -7.28 -5.40
N SER A 340 10.45 -6.41 -5.48
CA SER A 340 11.64 -6.55 -4.65
C SER A 340 11.40 -6.19 -3.20
N ASN A 341 12.25 -6.71 -2.34
CA ASN A 341 12.14 -6.50 -0.91
C ASN A 341 12.28 -5.02 -0.54
N VAL A 342 13.22 -4.33 -1.17
CA VAL A 342 13.47 -2.91 -0.86
C VAL A 342 12.30 -2.00 -1.26
N PHE A 343 11.58 -2.37 -2.29
CA PHE A 343 10.44 -1.57 -2.72
C PHE A 343 9.44 -1.44 -1.58
N THR A 344 9.16 -2.55 -0.88
CA THR A 344 8.17 -2.50 0.20
C THR A 344 8.55 -1.51 1.31
N PHE A 345 9.77 -0.99 1.25
CA PHE A 345 10.17 -0.01 2.22
C PHE A 345 10.29 1.31 1.51
N ALA A 346 10.63 1.25 0.23
CA ALA A 346 10.74 2.48 -0.53
C ALA A 346 9.36 3.12 -0.66
N PHE A 347 8.35 2.29 -0.89
CA PHE A 347 6.98 2.78 -1.09
C PHE A 347 6.36 3.29 0.18
N ARG A 348 7.06 3.17 1.31
CA ARG A 348 6.49 3.66 2.56
C ARG A 348 6.66 5.17 2.70
N PHE A 349 7.13 5.84 1.65
CA PHE A 349 7.31 7.29 1.68
C PHE A 349 5.96 7.93 1.96
N GLY A 350 4.94 7.36 1.35
CA GLY A 350 3.59 7.86 1.53
C GLY A 350 3.23 8.10 2.98
N HIS A 351 3.83 7.38 3.91
CA HIS A 351 3.53 7.57 5.33
C HIS A 351 3.78 9.01 5.76
N MET A 352 4.70 9.68 5.07
CA MET A 352 5.03 11.06 5.43
C MET A 352 4.09 12.06 4.79
N GLU A 353 3.11 11.54 4.08
CA GLU A 353 2.14 12.35 3.40
C GLU A 353 0.78 12.31 4.10
N VAL A 354 0.64 11.49 5.13
CA VAL A 354 -0.63 11.38 5.82
C VAL A 354 -0.83 12.50 6.83
N PRO A 355 -1.89 13.31 6.66
CA PRO A 355 -2.17 14.41 7.59
C PRO A 355 -2.82 13.92 8.89
N SER A 356 -3.13 14.83 9.80
CA SER A 356 -3.69 14.40 11.07
C SER A 356 -5.20 14.35 11.26
N THR A 357 -5.94 14.91 10.33
CA THR A 357 -7.40 14.93 10.43
C THR A 357 -8.12 14.45 9.17
N VAL A 358 -9.37 14.05 9.31
CA VAL A 358 -10.16 13.63 8.16
C VAL A 358 -11.50 14.35 8.23
N SER A 359 -11.85 14.95 7.10
CA SER A 359 -13.09 15.73 6.98
C SER A 359 -14.23 15.07 6.22
N ARG A 360 -15.44 15.48 6.60
CA ARG A 360 -16.66 15.05 5.93
C ARG A 360 -17.32 16.36 5.51
N LEU A 361 -17.73 16.43 4.24
CA LEU A 361 -18.32 17.65 3.72
C LEU A 361 -19.73 17.45 3.18
N ASP A 362 -20.56 18.48 3.34
CA ASP A 362 -21.93 18.42 2.84
C ASP A 362 -21.93 18.76 1.36
N GLU A 363 -23.11 18.76 0.74
CA GLU A 363 -23.19 18.96 -0.70
C GLU A 363 -22.52 20.19 -1.31
N ASN A 364 -22.37 21.27 -0.55
CA ASN A 364 -21.71 22.46 -1.09
C ASN A 364 -20.25 22.42 -0.61
N TYR A 365 -19.84 21.28 -0.09
CA TYR A 365 -18.49 21.14 0.43
C TYR A 365 -18.23 21.98 1.69
N GLN A 366 -19.21 21.97 2.59
CA GLN A 366 -19.10 22.67 3.87
C GLN A 366 -19.04 21.61 4.97
N PRO A 367 -18.42 21.96 6.10
CA PRO A 367 -18.32 21.02 7.23
C PRO A 367 -19.66 20.35 7.51
N TRP A 368 -19.68 19.04 7.34
CA TRP A 368 -20.87 18.22 7.56
C TRP A 368 -21.03 18.00 9.06
N GLY A 369 -21.96 18.74 9.67
CA GLY A 369 -22.20 18.58 11.09
C GLY A 369 -21.25 19.36 11.98
N PRO A 370 -21.35 19.17 13.32
CA PRO A 370 -20.53 19.84 14.32
C PRO A 370 -19.20 19.16 14.60
N GLU A 371 -19.12 17.88 14.26
CA GLU A 371 -17.88 17.12 14.44
C GLU A 371 -17.47 16.59 13.06
N ALA A 372 -17.31 17.50 12.10
CA ALA A 372 -16.95 17.15 10.72
C ALA A 372 -15.54 16.60 10.59
N GLU A 373 -14.58 17.37 11.10
CA GLU A 373 -13.17 17.05 11.07
C GLU A 373 -12.78 16.23 12.30
N LEU A 374 -12.08 15.11 12.09
CA LEU A 374 -11.66 14.22 13.19
C LEU A 374 -10.16 13.85 13.20
N PRO A 375 -9.60 13.54 14.39
CA PRO A 375 -8.20 13.14 14.50
C PRO A 375 -8.05 11.78 13.82
N LEU A 376 -7.06 11.66 12.94
CA LEU A 376 -6.85 10.41 12.22
C LEU A 376 -6.79 9.21 13.12
N HIS A 377 -6.35 9.39 14.36
CA HIS A 377 -6.19 8.26 15.25
C HIS A 377 -7.44 7.59 15.80
N THR A 378 -8.62 8.20 15.62
CA THR A 378 -9.83 7.50 16.07
C THR A 378 -10.39 6.76 14.87
N LEU A 379 -9.75 6.92 13.72
CA LEU A 379 -10.23 6.30 12.50
C LEU A 379 -9.59 4.98 12.10
N PHE A 380 -8.54 4.58 12.81
CA PHE A 380 -7.90 3.30 12.52
C PHE A 380 -8.97 2.25 12.87
N PHE A 381 -9.15 1.29 11.97
CA PHE A 381 -10.14 0.22 12.09
C PHE A 381 -11.54 0.70 12.43
N ASN A 382 -11.82 1.94 12.06
CA ASN A 382 -13.12 2.54 12.31
C ASN A 382 -14.05 2.29 11.11
N THR A 383 -15.08 1.47 11.30
CA THR A 383 -16.05 1.21 10.25
C THR A 383 -17.40 1.80 10.64
N TRP A 384 -17.64 1.99 11.94
CA TRP A 384 -18.93 2.51 12.39
C TRP A 384 -19.21 3.93 11.88
N ARG A 385 -18.15 4.69 11.60
CA ARG A 385 -18.32 6.05 11.11
C ARG A 385 -18.89 6.08 9.70
N ILE A 386 -18.59 5.09 8.87
CA ILE A 386 -19.14 5.09 7.53
C ILE A 386 -20.61 4.66 7.62
N ILE A 387 -20.81 3.45 8.13
CA ILE A 387 -22.14 2.85 8.23
C ILE A 387 -23.19 3.70 8.93
N LYS A 388 -22.82 4.27 10.08
CA LYS A 388 -23.75 5.05 10.90
C LYS A 388 -23.55 6.56 10.98
N ASP A 389 -22.90 7.14 9.98
CA ASP A 389 -22.59 8.56 10.08
C ASP A 389 -22.42 9.22 8.70
N GLY A 390 -23.31 8.90 7.78
CA GLY A 390 -23.27 9.52 6.46
C GLY A 390 -22.86 8.70 5.26
N GLY A 391 -22.26 7.54 5.49
CA GLY A 391 -21.83 6.74 4.37
C GLY A 391 -20.56 7.25 3.72
N ILE A 392 -20.49 7.10 2.40
CA ILE A 392 -19.32 7.43 1.59
C ILE A 392 -19.13 8.82 0.99
N ASP A 393 -20.21 9.41 0.50
CA ASP A 393 -20.12 10.70 -0.15
C ASP A 393 -19.42 11.78 0.66
N PRO A 394 -19.82 11.99 1.93
CA PRO A 394 -19.20 12.99 2.80
C PRO A 394 -17.69 12.83 2.94
N LEU A 395 -17.27 11.59 2.74
CA LEU A 395 -15.90 11.18 2.93
C LEU A 395 -15.04 11.26 1.67
N VAL A 396 -15.69 11.10 0.50
CA VAL A 396 -15.03 11.15 -0.81
C VAL A 396 -14.78 12.62 -1.14
N ARG A 397 -15.76 13.46 -0.84
CA ARG A 397 -15.64 14.90 -1.07
C ARG A 397 -14.39 15.41 -0.35
N GLY A 398 -14.15 14.88 0.86
CA GLY A 398 -12.98 15.27 1.65
C GLY A 398 -11.68 14.98 0.91
N LEU A 399 -11.64 13.82 0.27
CA LEU A 399 -10.47 13.44 -0.49
C LEU A 399 -10.24 14.40 -1.66
N LEU A 400 -11.31 14.96 -2.24
CA LEU A 400 -11.16 15.85 -3.38
C LEU A 400 -10.92 17.32 -3.02
N ALA A 401 -11.29 17.69 -1.80
CA ALA A 401 -11.17 19.08 -1.36
C ALA A 401 -10.08 19.38 -0.33
N LYS A 402 -9.59 18.35 0.35
CA LYS A 402 -8.53 18.55 1.32
C LYS A 402 -7.18 18.26 0.67
N LYS A 403 -6.09 18.46 1.42
CA LYS A 403 -4.73 18.25 0.93
C LYS A 403 -3.99 17.19 1.72
N SER A 404 -2.90 16.68 1.16
CA SER A 404 -2.09 15.70 1.87
C SER A 404 -1.07 16.50 2.67
N LYS A 405 -0.41 15.82 3.60
CA LYS A 405 0.68 16.43 4.34
C LYS A 405 1.83 16.41 3.34
N LEU A 406 2.69 17.43 3.39
CA LEU A 406 3.85 17.49 2.50
C LEU A 406 5.06 17.05 3.32
N MET A 407 5.91 16.24 2.68
CA MET A 407 7.10 15.74 3.33
C MET A 407 7.88 16.98 3.65
N ASN A 408 8.52 16.98 4.81
CA ASN A 408 9.28 18.12 5.29
C ASN A 408 10.34 17.52 6.20
N GLN A 409 11.57 18.00 6.11
CA GLN A 409 12.61 17.39 6.93
C GLN A 409 12.49 17.61 8.43
N ASP A 410 11.83 18.68 8.84
CA ASP A 410 11.67 18.95 10.26
C ASP A 410 10.32 18.43 10.75
N LYS A 411 9.47 18.05 9.80
CA LYS A 411 8.15 17.48 10.10
C LYS A 411 8.00 16.28 9.19
N MET A 412 8.15 15.09 9.73
CA MET A 412 8.09 13.91 8.90
C MET A 412 6.83 13.05 8.94
N VAL A 413 6.42 12.63 10.14
CA VAL A 413 5.24 11.79 10.28
C VAL A 413 4.38 12.32 11.42
N THR A 414 3.11 12.55 11.13
CA THR A 414 2.21 13.09 12.14
C THR A 414 2.12 12.19 13.36
N SER A 415 2.00 12.81 14.53
CA SER A 415 1.92 12.08 15.79
C SER A 415 0.79 11.07 15.83
N GLU A 416 -0.18 11.25 14.94
CA GLU A 416 -1.33 10.37 14.87
C GLU A 416 -0.85 8.97 14.44
N LEU A 417 0.09 8.94 13.51
CA LEU A 417 0.65 7.68 13.06
C LEU A 417 1.86 7.35 13.92
N ARG A 418 2.49 8.38 14.50
CA ARG A 418 3.72 8.17 15.27
C ARG A 418 3.66 7.78 16.73
N ASN A 419 2.56 8.07 17.40
CA ASN A 419 2.45 7.73 18.80
C ASN A 419 1.17 7.02 19.11
N LYS A 420 0.14 7.31 18.33
CA LYS A 420 -1.21 6.81 18.60
C LYS A 420 -1.79 5.74 17.70
N LEU A 421 -0.95 4.93 17.07
CA LEU A 421 -1.43 3.91 16.14
C LEU A 421 -2.09 2.69 16.75
N PHE A 422 -3.18 2.25 16.13
CA PHE A 422 -3.89 1.07 16.62
C PHE A 422 -3.52 -0.17 15.81
N GLN A 423 -2.81 -1.11 16.45
CA GLN A 423 -2.43 -2.36 15.80
C GLN A 423 -3.58 -3.31 16.07
N PRO A 424 -4.10 -3.96 15.02
CA PRO A 424 -5.24 -4.88 15.07
C PRO A 424 -5.23 -6.00 16.10
N THR A 425 -4.05 -6.34 16.59
CA THR A 425 -3.90 -7.41 17.56
C THR A 425 -4.05 -6.93 19.02
N HIS A 426 -3.16 -6.03 19.42
CA HIS A 426 -3.10 -5.50 20.79
C HIS A 426 -4.20 -4.47 21.09
N LYS A 427 -4.32 -4.02 22.35
CA LYS A 427 -5.42 -3.13 22.73
C LYS A 427 -5.38 -1.59 22.62
N ILE A 428 -4.22 -0.99 22.76
CA ILE A 428 -4.13 0.47 22.73
C ILE A 428 -3.96 1.19 21.39
N HIS A 429 -4.11 2.52 21.47
CA HIS A 429 -3.85 3.41 20.36
C HIS A 429 -2.55 4.04 20.88
N GLY A 430 -1.48 3.25 20.90
CA GLY A 430 -0.20 3.71 21.42
C GLY A 430 1.05 3.20 20.73
N PHE A 431 0.90 2.80 19.47
CA PHE A 431 2.03 2.30 18.69
C PHE A 431 2.67 3.39 17.86
N ASP A 432 3.80 3.06 17.24
CA ASP A 432 4.53 4.01 16.42
C ASP A 432 4.89 3.43 15.05
N LEU A 433 4.22 3.90 14.00
CA LEU A 433 4.48 3.41 12.65
C LEU A 433 5.91 3.69 12.20
N ALA A 434 6.47 4.84 12.55
CA ALA A 434 7.84 5.18 12.15
C ALA A 434 8.87 4.25 12.79
N ALA A 435 8.70 3.93 14.08
CA ALA A 435 9.62 3.01 14.76
C ALA A 435 9.44 1.60 14.17
N ILE A 436 8.19 1.26 13.87
CA ILE A 436 7.91 -0.04 13.24
C ILE A 436 8.54 -0.07 11.86
N ASN A 437 8.28 0.94 11.02
CA ASN A 437 8.89 1.00 9.68
C ASN A 437 10.40 0.80 9.80
N LEU A 438 11.02 1.38 10.84
CA LEU A 438 12.46 1.24 11.04
C LEU A 438 12.82 -0.15 11.53
N GLN A 439 12.05 -0.67 12.47
CA GLN A 439 12.34 -2.00 12.98
C GLN A 439 12.15 -3.02 11.87
N ARG A 440 11.15 -2.81 11.03
CA ARG A 440 10.87 -3.74 9.93
C ARG A 440 12.01 -3.80 8.90
N CYS A 441 12.71 -2.69 8.70
CA CYS A 441 13.83 -2.65 7.77
C CYS A 441 14.84 -3.71 8.19
N ARG A 442 15.20 -3.68 9.49
CA ARG A 442 16.19 -4.59 10.06
C ARG A 442 15.75 -6.06 10.01
N ASP A 443 14.45 -6.31 10.19
CA ASP A 443 13.90 -7.67 10.15
C ASP A 443 14.08 -8.22 8.74
N HIS A 444 13.75 -7.40 7.75
CA HIS A 444 13.89 -7.80 6.36
C HIS A 444 15.35 -7.87 5.89
N GLY A 445 16.26 -7.45 6.76
CA GLY A 445 17.68 -7.49 6.42
C GLY A 445 18.11 -6.60 5.28
N MET A 446 17.75 -5.33 5.35
CA MET A 446 18.08 -4.39 4.31
C MET A 446 19.50 -3.86 4.38
N PRO A 447 20.13 -3.65 3.22
CA PRO A 447 21.49 -3.10 3.11
C PRO A 447 21.34 -1.66 3.58
N GLY A 448 22.46 -1.00 3.85
CA GLY A 448 22.42 0.38 4.31
C GLY A 448 22.10 1.39 3.24
N TYR A 449 22.02 2.65 3.63
CA TYR A 449 21.73 3.74 2.70
C TYR A 449 22.76 3.75 1.54
N ASN A 450 24.05 3.82 1.87
CA ASN A 450 25.04 3.89 0.81
C ASN A 450 24.99 2.73 -0.17
N SER A 451 24.65 1.53 0.30
CA SER A 451 24.54 0.36 -0.58
C SER A 451 23.50 0.65 -1.66
N TRP A 452 22.42 1.30 -1.25
CA TRP A 452 21.38 1.61 -2.20
C TRP A 452 21.77 2.79 -3.05
N ARG A 453 22.44 3.77 -2.44
CA ARG A 453 22.88 4.92 -3.22
C ARG A 453 23.78 4.37 -4.33
N GLY A 454 24.70 3.48 -3.94
CA GLY A 454 25.61 2.87 -4.89
C GLY A 454 24.84 2.12 -5.96
N PHE A 455 23.75 1.46 -5.55
CA PHE A 455 22.89 0.70 -6.45
C PHE A 455 22.25 1.56 -7.52
N CYS A 456 21.98 2.82 -7.17
CA CYS A 456 21.33 3.75 -8.09
C CYS A 456 22.30 4.70 -8.80
N GLY A 457 23.59 4.42 -8.64
CA GLY A 457 24.64 5.21 -9.28
C GLY A 457 24.77 6.61 -8.75
N LEU A 458 24.49 6.80 -7.46
CA LEU A 458 24.57 8.10 -6.84
C LEU A 458 25.67 8.11 -5.80
N SER A 459 26.28 9.27 -5.59
CA SER A 459 27.36 9.46 -4.62
C SER A 459 27.07 8.85 -3.27
N GLN A 460 28.10 8.35 -2.61
CA GLN A 460 27.92 7.74 -1.31
C GLN A 460 28.70 8.49 -0.23
N PRO A 461 28.01 9.36 0.54
CA PRO A 461 28.62 10.16 1.63
C PRO A 461 29.21 9.29 2.75
N LYS A 462 30.37 9.69 3.25
CA LYS A 462 31.05 8.93 4.29
C LYS A 462 31.33 9.77 5.56
N THR A 463 31.08 11.07 5.49
CA THR A 463 31.33 11.97 6.60
C THR A 463 30.20 12.96 6.75
N LEU A 464 30.10 13.55 7.93
CA LEU A 464 29.07 14.53 8.24
C LEU A 464 28.81 15.49 7.08
N LYS A 465 29.89 16.11 6.59
CA LYS A 465 29.82 17.12 5.53
C LYS A 465 29.32 16.55 4.23
N GLY A 466 29.65 15.30 3.98
CA GLY A 466 29.18 14.66 2.78
C GLY A 466 27.68 14.45 2.89
N LEU A 467 27.23 13.99 4.05
CA LEU A 467 25.82 13.74 4.28
C LEU A 467 25.03 15.05 4.27
N GLN A 468 25.68 16.13 4.68
CA GLN A 468 25.06 17.45 4.68
C GLN A 468 24.70 17.90 3.27
N THR A 469 25.57 17.59 2.31
CA THR A 469 25.36 18.02 0.93
C THR A 469 24.30 17.19 0.25
N VAL A 470 24.37 15.88 0.41
CA VAL A 470 23.37 15.01 -0.19
C VAL A 470 21.99 15.41 0.30
N LEU A 471 21.84 15.55 1.62
CA LEU A 471 20.58 15.91 2.21
C LEU A 471 20.26 17.40 2.10
N LYS A 472 21.26 18.21 1.76
CA LYS A 472 21.10 19.67 1.66
C LYS A 472 20.48 20.23 2.94
N ASN A 473 20.74 19.56 4.06
CA ASN A 473 20.23 20.00 5.37
C ASN A 473 21.35 19.80 6.38
N LYS A 474 21.71 20.87 7.08
CA LYS A 474 22.79 20.76 8.04
C LYS A 474 22.44 20.06 9.35
N ILE A 475 21.34 20.47 9.97
CA ILE A 475 20.95 19.89 11.25
C ILE A 475 20.50 18.43 11.17
N LEU A 476 19.67 18.11 10.19
CA LEU A 476 19.18 16.75 10.02
C LEU A 476 20.33 15.79 9.91
N ALA A 477 21.27 16.16 9.05
CA ALA A 477 22.45 15.37 8.82
C ALA A 477 23.24 15.13 10.11
N LYS A 478 23.12 16.05 11.05
CA LYS A 478 23.88 15.93 12.31
C LYS A 478 23.23 14.94 13.24
N LYS A 479 21.90 14.95 13.28
CA LYS A 479 21.16 14.06 14.16
C LYS A 479 21.36 12.63 13.66
N LEU A 480 21.15 12.45 12.36
CA LEU A 480 21.31 11.16 11.72
C LEU A 480 22.68 10.58 12.08
N MET A 481 23.70 11.42 11.95
CA MET A 481 25.07 11.02 12.22
C MET A 481 25.31 10.68 13.69
N ASP A 482 24.73 11.46 14.59
CA ASP A 482 24.90 11.20 16.03
C ASP A 482 24.26 9.90 16.47
N LEU A 483 23.26 9.44 15.71
CA LEU A 483 22.55 8.19 16.04
C LEU A 483 23.14 6.96 15.38
N TYR A 484 23.67 7.15 14.18
CA TYR A 484 24.23 6.04 13.38
C TYR A 484 25.76 5.90 13.34
N LYS A 485 26.49 7.06 13.57
CA LYS A 485 27.97 7.09 13.53
C LYS A 485 28.59 7.03 12.11
N THR A 486 27.82 6.40 11.23
CA THR A 486 28.28 6.31 9.85
C THR A 486 27.06 6.22 8.95
N PRO A 487 27.14 6.82 7.75
CA PRO A 487 25.99 6.76 6.82
C PRO A 487 25.75 5.34 6.32
N ASP A 488 26.83 4.56 6.24
CA ASP A 488 26.74 3.17 5.79
C ASP A 488 25.69 2.41 6.60
N ASN A 489 25.38 2.87 7.81
CA ASN A 489 24.42 2.18 8.66
C ASN A 489 23.01 2.69 8.62
N ILE A 490 22.85 3.91 8.08
CA ILE A 490 21.53 4.56 7.99
C ILE A 490 20.51 3.65 7.30
N ASP A 491 19.44 3.32 8.04
CA ASP A 491 18.36 2.47 7.52
C ASP A 491 17.74 3.10 6.27
N ILE A 492 17.51 2.28 5.24
CA ILE A 492 16.99 2.79 3.97
C ILE A 492 15.73 3.64 4.09
N TRP A 493 14.82 3.27 4.97
CA TRP A 493 13.59 4.04 5.12
C TRP A 493 13.84 5.50 5.48
N ILE A 494 14.51 5.73 6.60
CA ILE A 494 14.79 7.09 7.04
C ILE A 494 15.78 7.76 6.10
N GLY A 495 16.66 6.99 5.50
CA GLY A 495 17.63 7.57 4.59
C GLY A 495 17.00 8.08 3.30
N GLY A 496 16.21 7.24 2.63
CA GLY A 496 15.60 7.64 1.36
C GLY A 496 14.62 8.78 1.50
N ASN A 497 13.95 8.82 2.64
CA ASN A 497 12.97 9.85 2.90
C ASN A 497 13.54 11.15 3.42
N ALA A 498 14.79 11.13 3.88
CA ALA A 498 15.42 12.36 4.35
C ALA A 498 15.94 13.22 3.18
N GLU A 499 16.16 12.62 2.00
CA GLU A 499 16.65 13.36 0.82
C GLU A 499 15.66 14.42 0.34
N PRO A 500 16.16 15.49 -0.28
CA PRO A 500 15.29 16.56 -0.78
C PRO A 500 14.54 16.07 -2.01
N MET A 501 13.37 16.64 -2.25
CA MET A 501 12.55 16.24 -3.40
C MET A 501 12.98 16.72 -4.77
N VAL A 502 12.95 15.81 -5.74
CA VAL A 502 13.31 16.12 -7.11
C VAL A 502 12.32 17.16 -7.63
N GLU A 503 12.68 17.80 -8.72
CA GLU A 503 11.84 18.80 -9.37
C GLU A 503 10.49 18.17 -9.73
N ARG A 504 9.41 18.88 -9.44
CA ARG A 504 8.06 18.42 -9.74
C ARG A 504 7.64 17.05 -9.20
N GLY A 505 8.53 16.40 -8.46
CA GLY A 505 8.20 15.10 -7.90
C GLY A 505 7.81 15.22 -6.44
N ARG A 506 7.78 14.09 -5.73
CA ARG A 506 7.48 14.08 -4.31
C ARG A 506 8.33 13.09 -3.54
N VAL A 507 9.47 12.72 -4.12
CA VAL A 507 10.49 11.87 -3.46
C VAL A 507 11.84 12.24 -4.05
N GLY A 508 12.91 11.91 -3.32
CA GLY A 508 14.26 12.23 -3.77
C GLY A 508 14.86 11.33 -4.83
N PRO A 509 16.16 11.51 -5.14
CA PRO A 509 16.84 10.70 -6.15
C PRO A 509 16.81 9.21 -5.87
N LEU A 510 17.19 8.82 -4.66
CA LEU A 510 17.24 7.41 -4.32
C LEU A 510 15.86 6.78 -4.41
N LEU A 511 14.85 7.45 -3.89
CA LEU A 511 13.52 6.86 -3.96
C LEU A 511 12.95 6.85 -5.40
N ALA A 512 13.28 7.87 -6.20
CA ALA A 512 12.78 7.93 -7.57
C ALA A 512 13.36 6.78 -8.33
N CYS A 513 14.60 6.43 -8.00
CA CYS A 513 15.28 5.30 -8.64
C CYS A 513 14.67 3.93 -8.29
N LEU A 514 14.53 3.65 -6.99
CA LEU A 514 13.99 2.38 -6.53
C LEU A 514 12.54 2.17 -6.94
N LEU A 515 11.73 3.23 -6.87
CA LEU A 515 10.31 3.16 -7.29
C LEU A 515 10.30 3.10 -8.81
N GLY A 516 10.99 4.06 -9.44
CA GLY A 516 11.07 4.13 -10.89
C GLY A 516 11.48 2.81 -11.50
N ARG A 517 12.43 2.13 -10.85
CA ARG A 517 12.88 0.81 -11.32
C ARG A 517 11.74 -0.16 -11.22
N GLN A 518 11.17 -0.30 -10.03
CA GLN A 518 10.07 -1.23 -9.80
C GLN A 518 8.90 -1.12 -10.77
N PHE A 519 8.46 0.11 -11.05
CA PHE A 519 7.32 0.34 -11.92
C PHE A 519 7.55 0.00 -13.39
N GLN A 520 8.71 0.36 -13.90
CA GLN A 520 9.05 0.04 -15.27
C GLN A 520 9.06 -1.49 -15.36
N GLN A 521 9.63 -2.14 -14.34
CA GLN A 521 9.70 -3.59 -14.32
C GLN A 521 8.35 -4.29 -14.29
N ILE A 522 7.44 -3.81 -13.45
CA ILE A 522 6.11 -4.45 -13.36
C ILE A 522 5.20 -4.05 -14.50
N ARG A 523 5.67 -3.17 -15.36
CA ARG A 523 4.87 -2.80 -16.51
C ARG A 523 5.45 -3.55 -17.71
N ASP A 524 6.75 -3.48 -17.91
CA ASP A 524 7.38 -4.17 -19.03
C ASP A 524 7.29 -5.69 -18.90
N GLY A 525 7.02 -6.19 -17.70
CA GLY A 525 6.99 -7.62 -17.52
C GLY A 525 5.63 -8.27 -17.48
N ASP A 526 4.59 -7.46 -17.64
CA ASP A 526 3.22 -7.94 -17.57
C ASP A 526 2.58 -8.27 -18.91
N ARG A 527 2.35 -9.56 -19.13
CA ARG A 527 1.75 -10.04 -20.37
C ARG A 527 0.38 -9.41 -20.58
N PHE A 528 -0.26 -9.08 -19.47
CA PHE A 528 -1.59 -8.49 -19.53
C PHE A 528 -1.64 -6.95 -19.36
N TRP A 529 -0.50 -6.30 -19.53
CA TRP A 529 -0.46 -4.84 -19.46
C TRP A 529 -1.46 -4.40 -20.54
N TRP A 530 -2.31 -3.43 -20.22
CA TRP A 530 -3.34 -2.99 -21.15
C TRP A 530 -2.95 -2.58 -22.56
N GLU A 531 -1.77 -1.99 -22.72
CA GLU A 531 -1.29 -1.57 -24.04
C GLU A 531 -0.64 -2.72 -24.83
N ASN A 532 -0.31 -3.80 -24.13
CA ASN A 532 0.31 -4.95 -24.76
C ASN A 532 -0.62 -5.35 -25.86
N PRO A 533 -0.18 -5.24 -27.13
CA PRO A 533 -1.05 -5.61 -28.25
C PRO A 533 -1.64 -7.01 -28.14
N GLY A 534 -2.96 -7.09 -28.34
CA GLY A 534 -3.64 -8.35 -28.25
C GLY A 534 -4.41 -8.59 -26.96
N VAL A 535 -4.27 -7.71 -25.96
CA VAL A 535 -4.98 -7.85 -24.68
C VAL A 535 -6.33 -7.11 -24.75
N PHE A 536 -6.33 -5.87 -25.25
CA PHE A 536 -7.59 -5.15 -25.49
C PHE A 536 -7.49 -4.74 -26.95
N THR A 537 -8.61 -4.72 -27.67
CA THR A 537 -8.59 -4.33 -29.07
C THR A 537 -8.29 -2.83 -29.11
N GLU A 538 -7.92 -2.32 -30.28
CA GLU A 538 -7.62 -0.91 -30.46
C GLU A 538 -8.79 0.00 -30.04
N LYS A 539 -10.01 -0.39 -30.41
CA LYS A 539 -11.21 0.39 -30.05
C LYS A 539 -11.50 0.34 -28.55
N GLN A 540 -11.17 -0.78 -27.92
CA GLN A 540 -11.35 -0.92 -26.48
C GLN A 540 -10.32 -0.01 -25.80
N ARG A 541 -9.08 0.02 -26.32
CA ARG A 541 -8.03 0.86 -25.74
C ARG A 541 -8.39 2.34 -25.79
N ASP A 542 -9.00 2.76 -26.90
CA ASP A 542 -9.44 4.14 -27.11
C ASP A 542 -10.50 4.52 -26.08
N SER A 543 -11.30 3.52 -25.72
CA SER A 543 -12.36 3.70 -24.74
C SER A 543 -11.79 3.91 -23.33
N LEU A 544 -10.75 3.13 -22.99
CA LEU A 544 -10.10 3.13 -21.68
C LEU A 544 -9.27 4.36 -21.36
N GLN A 545 -8.79 5.03 -22.41
CA GLN A 545 -7.97 6.23 -22.25
C GLN A 545 -8.79 7.40 -21.72
N LYS A 546 -10.11 7.27 -21.68
CA LYS A 546 -10.97 8.35 -21.22
C LYS A 546 -11.28 8.24 -19.72
N MET A 547 -10.94 7.10 -19.14
CA MET A 547 -11.16 6.85 -17.72
C MET A 547 -10.45 7.94 -16.94
N SER A 548 -11.07 8.34 -15.84
CA SER A 548 -10.56 9.35 -14.93
C SER A 548 -11.06 8.98 -13.53
N PHE A 549 -10.29 9.31 -12.50
CA PHE A 549 -10.75 8.99 -11.17
C PHE A 549 -11.99 9.81 -10.88
N SER A 550 -12.09 10.98 -11.52
CA SER A 550 -13.26 11.86 -11.34
C SER A 550 -14.53 11.14 -11.77
N ARG A 551 -14.56 10.63 -13.00
CA ARG A 551 -15.74 9.92 -13.50
C ARG A 551 -16.07 8.77 -12.55
N LEU A 552 -15.06 8.03 -12.09
CA LEU A 552 -15.28 6.91 -11.17
C LEU A 552 -16.18 7.37 -10.03
N ILE A 553 -15.94 8.58 -9.52
CA ILE A 553 -16.72 9.14 -8.42
C ILE A 553 -18.12 9.52 -8.90
N CYS A 554 -18.21 10.08 -10.09
CA CYS A 554 -19.50 10.47 -10.66
C CYS A 554 -20.42 9.23 -10.77
N ASP A 555 -19.94 8.22 -11.49
CA ASP A 555 -20.71 6.99 -11.69
C ASP A 555 -20.98 6.14 -10.43
N ASN A 556 -20.26 6.40 -9.34
CA ASN A 556 -20.38 5.58 -8.12
C ASN A 556 -20.75 6.17 -6.75
N THR A 557 -21.14 7.43 -6.74
CA THR A 557 -21.60 8.09 -5.52
C THR A 557 -22.62 9.12 -5.96
N HIS A 558 -23.16 9.89 -5.04
CA HIS A 558 -24.12 10.88 -5.43
C HIS A 558 -23.53 12.28 -5.55
N ILE A 559 -22.19 12.34 -5.65
CA ILE A 559 -21.48 13.60 -5.81
C ILE A 559 -21.75 14.05 -7.26
N THR A 560 -22.10 15.33 -7.46
CA THR A 560 -22.41 15.84 -8.79
C THR A 560 -21.45 16.93 -9.27
N LYS A 561 -20.52 17.31 -8.40
CA LYS A 561 -19.50 18.29 -8.72
C LYS A 561 -18.13 17.67 -8.36
N VAL A 562 -17.19 17.73 -9.29
CA VAL A 562 -15.88 17.12 -9.10
C VAL A 562 -14.78 17.80 -9.93
N PRO A 563 -13.51 17.62 -9.53
CA PRO A 563 -12.42 18.24 -10.30
C PRO A 563 -12.16 17.38 -11.54
N LEU A 564 -11.47 17.94 -12.53
CA LEU A 564 -11.14 17.22 -13.76
C LEU A 564 -9.85 16.43 -13.49
N HIS A 565 -8.86 17.12 -12.90
CA HIS A 565 -7.59 16.53 -12.50
C HIS A 565 -7.84 16.38 -10.99
N ALA A 566 -7.90 15.15 -10.52
CA ALA A 566 -8.28 14.89 -9.14
C ALA A 566 -7.19 14.77 -8.10
N PHE A 567 -5.96 14.63 -8.57
CA PHE A 567 -4.85 14.50 -7.64
C PHE A 567 -4.26 15.85 -7.26
N GLN A 568 -4.35 16.84 -8.14
CA GLN A 568 -3.82 18.16 -7.83
C GLN A 568 -4.77 18.87 -6.88
N ALA A 569 -4.28 19.91 -6.22
CA ALA A 569 -5.11 20.65 -5.27
C ALA A 569 -6.20 21.39 -6.07
N ASN A 570 -7.44 21.26 -5.60
CA ASN A 570 -8.59 21.90 -6.25
C ASN A 570 -9.49 22.63 -5.26
N ASN A 571 -9.75 23.91 -5.52
CA ASN A 571 -10.60 24.72 -4.67
C ASN A 571 -12.06 24.66 -5.12
N TYR A 572 -12.97 24.48 -4.16
CA TYR A 572 -14.40 24.43 -4.48
C TYR A 572 -14.98 25.84 -4.33
N PRO A 573 -15.83 25.95 -5.38
CA PRO A 573 -16.80 26.18 -6.54
C PRO A 573 -15.95 25.90 -7.82
N HIS A 574 -15.09 26.96 -8.10
CA HIS A 574 -14.12 27.21 -9.23
C HIS A 574 -13.45 26.00 -9.87
N ASP A 575 -12.68 25.17 -9.18
CA ASP A 575 -12.05 24.03 -9.82
C ASP A 575 -12.98 22.85 -10.00
N PHE A 576 -14.19 22.92 -9.45
CA PHE A 576 -15.15 21.84 -9.58
C PHE A 576 -16.19 22.03 -10.71
N VAL A 577 -16.23 21.07 -11.63
CA VAL A 577 -17.19 21.12 -12.75
C VAL A 577 -18.29 20.08 -12.54
N ASP A 578 -19.40 20.26 -13.26
CA ASP A 578 -20.54 19.34 -13.17
C ASP A 578 -20.16 18.03 -13.87
N CYS A 579 -20.60 16.90 -13.32
CA CYS A 579 -20.27 15.60 -13.86
C CYS A 579 -20.46 15.47 -15.37
N SER A 580 -21.44 16.16 -15.92
CA SER A 580 -21.70 16.06 -17.35
C SER A 580 -20.52 16.47 -18.23
N ALA A 581 -19.64 17.31 -17.72
CA ALA A 581 -18.49 17.73 -18.51
C ALA A 581 -17.37 16.68 -18.50
N VAL A 582 -17.47 15.69 -17.61
CA VAL A 582 -16.44 14.67 -17.54
C VAL A 582 -16.68 13.45 -18.42
N ASP A 583 -15.69 13.18 -19.27
CA ASP A 583 -15.72 12.06 -20.20
C ASP A 583 -16.17 10.77 -19.53
N LYS A 584 -17.07 10.05 -20.20
CA LYS A 584 -17.59 8.75 -19.73
C LYS A 584 -16.89 7.60 -20.44
N LEU A 585 -16.87 6.43 -19.81
CA LEU A 585 -16.26 5.26 -20.42
C LEU A 585 -17.31 4.68 -21.37
N ASP A 586 -16.99 4.59 -22.65
CA ASP A 586 -17.91 4.05 -23.64
C ASP A 586 -17.73 2.54 -23.74
N LEU A 587 -18.59 1.80 -23.06
CA LEU A 587 -18.47 0.35 -23.09
C LEU A 587 -18.98 -0.33 -24.36
N SER A 588 -19.26 0.43 -25.43
CA SER A 588 -19.79 -0.16 -26.67
C SER A 588 -18.86 -1.12 -27.45
N PRO A 589 -17.52 -0.95 -27.36
CA PRO A 589 -16.56 -1.82 -28.05
C PRO A 589 -16.53 -3.23 -27.44
N TRP A 590 -17.20 -3.40 -26.30
CA TRP A 590 -17.24 -4.72 -25.67
C TRP A 590 -18.46 -5.52 -26.16
N ALA A 591 -19.03 -5.13 -27.31
CA ALA A 591 -20.20 -5.81 -27.89
C ALA A 591 -19.78 -7.09 -28.63
N SER A 592 -20.66 -8.09 -28.64
CA SER A 592 -20.34 -9.40 -29.23
C SER A 592 -21.39 -10.03 -30.17
N ARG A 593 -21.23 -9.78 -31.48
CA ARG A 593 -22.12 -10.27 -32.55
C ARG A 593 -21.97 -11.76 -32.93
N GLU A 594 -22.93 -12.58 -32.49
CA GLU A 594 -22.93 -14.02 -32.71
C GLU A 594 -22.83 -14.50 -34.17
N ASN A 595 -23.86 -14.20 -34.97
CA ASN A 595 -23.86 -14.61 -36.37
C ASN A 595 -22.95 -13.75 -37.24
C1 NAG B . -0.09 21.68 -9.78
C2 NAG B . 0.82 22.68 -10.44
C3 NAG B . 0.86 22.67 -11.96
C4 NAG B . 0.71 21.30 -12.59
C5 NAG B . -0.20 20.33 -11.80
C6 NAG B . 0.25 18.93 -12.15
C7 NAG B . 1.52 24.86 -9.73
C8 NAG B . 1.17 26.24 -9.19
N2 NAG B . 0.51 24.02 -9.99
O3 NAG B . 2.14 23.14 -12.33
O4 NAG B . 0.24 21.45 -13.97
O5 NAG B . 0.07 20.40 -10.39
O6 NAG B . 1.53 18.68 -11.56
O7 NAG B . 2.69 24.56 -9.91
C1 NAG B . 0.81 20.58 -14.92
C2 NAG B . -0.16 20.29 -16.06
C3 NAG B . 0.47 20.40 -17.48
C4 NAG B . 1.94 19.95 -17.61
C5 NAG B . 2.70 20.11 -16.27
C6 NAG B . 4.13 20.54 -16.49
C7 NAG B . -2.00 18.80 -16.13
C8 NAG B . -2.50 17.36 -16.18
N2 NAG B . -0.71 18.98 -15.89
O3 NAG B . 0.37 21.76 -17.91
O4 NAG B . 2.09 18.59 -18.12
O5 NAG B . 2.05 21.10 -15.42
O6 NAG B . 4.20 21.88 -16.95
O7 NAG B . -2.79 19.73 -16.32
C1 MAN B . 1.49 18.18 -19.32
C2 MAN B . 1.98 16.78 -19.74
C3 MAN B . 1.32 16.38 -21.09
C4 MAN B . 0.37 17.47 -21.59
C5 MAN B . 1.02 18.88 -21.57
C6 MAN B . -0.03 19.98 -21.60
O2 MAN B . 1.66 15.82 -18.75
O3 MAN B . 0.59 15.16 -20.93
O4 MAN B . -0.07 17.17 -22.91
O5 MAN B . 1.83 19.09 -20.38
O6 MAN B . 0.49 21.20 -21.10
C1 NAG C . -26.64 -11.67 -5.05
C2 NAG C . -26.87 -10.70 -3.90
C3 NAG C . -28.30 -10.26 -3.58
C4 NAG C . -29.06 -9.81 -4.79
C5 NAG C . -28.75 -10.61 -6.10
C6 NAG C . -28.19 -9.75 -7.22
C7 NAG C . -25.05 -10.78 -2.47
C8 NAG C . -24.55 -10.89 -1.04
N2 NAG C . -26.26 -11.24 -2.73
O3 NAG C . -28.17 -9.11 -2.73
O4 NAG C . -30.49 -9.82 -4.49
O5 NAG C . -27.81 -11.78 -5.94
O6 NAG C . -29.10 -8.71 -7.62
O7 NAG C . -24.35 -10.23 -3.32
C1 NAG C . -31.25 -8.61 -4.73
C2 NAG C . -32.69 -8.99 -4.96
C3 NAG C . -33.72 -8.51 -3.95
C4 NAG C . -33.45 -7.10 -3.48
C5 NAG C . -32.00 -6.82 -3.06
C6 NAG C . -31.79 -6.92 -1.55
C7 NAG C . -32.84 -9.52 -7.27
C8 NAG C . -31.97 -9.09 -8.44
N2 NAG C . -33.07 -8.63 -6.31
O3 NAG C . -33.78 -9.40 -2.86
O4 NAG C . -33.87 -6.14 -4.44
O5 NAG C . -30.95 -7.66 -3.66
O6 NAG C . -32.45 -5.87 -0.86
O7 NAG C . -33.27 -10.67 -7.22
C1 NAG D . -20.03 4.62 19.39
C2 NAG D . -19.73 6.12 19.50
C3 NAG D . -21.00 6.91 19.69
C4 NAG D . -22.09 6.52 18.70
C5 NAG D . -22.21 5.01 18.43
C6 NAG D . -22.97 4.80 17.13
C7 NAG D . -17.60 5.95 20.63
C8 NAG D . -17.12 5.30 21.93
N2 NAG D . -18.84 6.40 20.62
O3 NAG D . -20.69 8.28 19.51
O4 NAG D . -23.37 7.01 19.18
O5 NAG D . -20.89 4.40 18.27
O6 NAG D . -22.74 3.52 16.58
O7 NAG D . -16.83 6.02 19.67
C1 NAG D . -24.07 7.79 18.28
C2 NAG D . -25.50 8.01 18.71
C3 NAG D . -26.04 8.89 17.59
C4 NAG D . -25.64 10.26 18.14
C5 NAG D . -24.14 10.28 18.54
C6 NAG D . -23.97 10.41 20.05
C7 NAG D . -26.24 6.30 20.23
C8 NAG D . -26.95 4.98 20.47
N2 NAG D . -26.25 6.80 18.98
O3 NAG D . -27.43 8.76 17.39
O4 NAG D . -25.96 11.35 17.25
O5 NAG D . -23.39 9.06 18.10
O6 NAG D . -22.60 10.30 20.44
O7 NAG D . -25.67 6.88 21.18
C1 MAN D . -27.04 12.17 17.59
C2 MAN D . -26.94 12.68 19.05
C3 MAN D . -28.31 13.17 19.55
C4 MAN D . -29.25 13.46 18.37
C5 MAN D . -29.46 12.19 17.52
C6 MAN D . -29.91 12.50 16.11
O2 MAN D . -25.98 13.73 19.13
O3 MAN D . -28.18 14.35 20.35
O4 MAN D . -30.51 13.92 18.84
O5 MAN D . -28.24 11.40 17.44
O6 MAN D . -30.53 11.37 15.51
C1 NAG E . 14.10 -7.38 -22.23
C2 NAG E . 14.99 -6.81 -23.29
C3 NAG E . 16.40 -6.44 -22.81
C4 NAG E . 16.86 -7.03 -21.47
C5 NAG E . 15.75 -7.58 -20.55
C6 NAG E . 15.97 -7.26 -19.07
C7 NAG E . 14.64 -7.33 -25.61
C8 NAG E . 15.66 -7.45 -26.74
N2 NAG E . 15.04 -7.74 -24.41
O3 NAG E . 16.50 -5.04 -22.72
O4 NAG E . 17.92 -7.99 -21.70
O5 NAG E . 14.49 -6.99 -20.91
O6 NAG E . 16.93 -6.23 -18.88
O7 NAG E . 13.53 -6.85 -25.83
C1 NAG E . 19.11 -7.33 -22.02
C2 NAG E . 20.30 -7.84 -21.19
C3 NAG E . 21.52 -6.97 -21.55
C4 NAG E . 21.76 -7.07 -23.07
C5 NAG E . 20.50 -6.57 -23.77
C6 NAG E . 20.58 -6.47 -25.28
C7 NAG E . 19.32 -8.67 -19.17
C8 NAG E . 19.07 -8.50 -17.68
N2 NAG E . 20.00 -7.71 -19.78
O3 NAG E . 22.67 -7.39 -20.84
O4 NAG E . 22.89 -6.29 -23.44
O5 NAG E . 19.38 -7.42 -23.42
O6 NAG E . 19.97 -5.28 -25.74
O7 NAG E . 18.90 -9.68 -19.75
CA CA F . -1.43 -7.21 -7.34
I IOD G . 16.04 -5.90 -1.13
I IOD H . 14.36 9.58 23.34
I IOD I . 5.16 20.48 -7.48
I IOD J . -11.80 -17.15 3.35
I IOD K . -23.13 -8.11 5.14
I IOD L . -8.00 -7.32 18.85
I IOD M . -0.31 5.04 -18.60
I IOD N . -21.57 17.53 -3.74
I IOD O . 32.00 11.90 2.86
F F P . -13.59 20.88 7.32
F F Q . -8.60 7.31 21.65
F F R . -24.42 12.91 -17.55
CHA HEM S . 2.73 -0.83 5.79
CHB HEM S . -0.18 1.74 8.41
CHC HEM S . -0.74 4.84 4.82
CHD HEM S . 2.52 2.53 2.33
C1A HEM S . 2.00 -0.42 6.82
C2A HEM S . 1.94 -1.05 8.08
C3A HEM S . 1.12 -0.31 8.84
C4A HEM S . 0.67 0.76 8.04
CMA HEM S . 0.69 -0.57 10.29
CAA HEM S . 2.71 -2.35 8.44
CBA HEM S . 3.76 -2.09 9.50
CGA HEM S . 4.54 -3.36 9.77
O1A HEM S . 4.07 -4.27 10.54
O2A HEM S . 5.65 -3.49 9.16
C1B HEM S . -0.63 2.75 7.63
C2B HEM S . -1.62 3.69 8.00
C3B HEM S . -1.76 4.54 6.99
C4B HEM S . -0.88 4.15 5.97
CMB HEM S . -2.36 3.82 9.35
CAB HEM S . -2.77 5.68 6.93
CBB HEM S . -2.44 6.89 7.34
C1C HEM S . 0.11 4.54 3.80
C2C HEM S . 0.28 5.22 2.57
C3C HEM S . 1.27 4.56 1.87
C4C HEM S . 1.63 3.46 2.69
CMC HEM S . -0.52 6.51 2.19
CAC HEM S . 1.88 4.87 0.47
CBC HEM S . 1.49 5.75 -0.41
C1D HEM S . 2.84 1.41 3.05
C2D HEM S . 3.73 0.42 2.55
C3D HEM S . 3.70 -0.71 3.58
C4D HEM S . 2.94 -0.16 4.64
CMD HEM S . 4.41 0.33 1.24
CAD HEM S . 4.45 -2.05 3.46
CBD HEM S . 3.47 -3.08 2.77
CGD HEM S . 3.98 -4.53 2.82
O1D HEM S . 4.98 -4.93 2.02
O2D HEM S . 3.42 -5.29 3.62
NA HEM S . 1.24 0.70 6.81
NB HEM S . -0.17 3.04 6.37
NC HEM S . 0.92 3.45 3.84
ND HEM S . 2.44 1.08 4.33
FE HEM S . 1.18 2.14 5.19
O OSM T . -0.93 -1.28 5.77
S OSM T . -2.05 -1.35 6.88
C OSM T . -1.99 -2.77 8.01
N OSM T . -3.13 -2.72 8.94
#